data_1EJH
#
_entry.id   1EJH
#
_cell.length_a   140.600
_cell.length_b   140.60
_cell.length_c   39.400
_cell.angle_alpha   90.00
_cell.angle_beta   90.00
_cell.angle_gamma   120.00
#
_symmetry.space_group_name_H-M   'P 31'
#
loop_
_entity.id
_entity.type
_entity.pdbx_description
1 polymer 'EUKARYOTIC INITIATION FACTOR 4E'
2 polymer 'EUKARYOTIC INITIATION FACTOR 4GII'
3 non-polymer "7N-METHYL-8-HYDROGUANOSINE-5'-DIPHOSPHATE"
4 water water
#
loop_
_entity_poly.entity_id
_entity_poly.type
_entity_poly.pdbx_seq_one_letter_code
_entity_poly.pdbx_strand_id
1 'polypeptide(L)'
;VANPEHYIKHPLQNRWALWFFKNDKSKTWQANLRLISKFDTVEDFWALYNHIQLSSNLMPGCDYSLFKDGIEPMWEDEKN
KRGGRWLITLNKQQRRSDLDRFWLETLLCLIGESFDDYSDDVCGAVVNVRAKGDKIAIWTTECENRDAVTHIGRVYKERL
GLPPKIVIGYQSHADTATKSGSTTKNRFVV
;
A,B,C,D
2 'polypeptide(L)' KQYDREFLLDFQFMPA E,F,G,H
#
loop_
_chem_comp.id
_chem_comp.type
_chem_comp.name
_chem_comp.formula
M7G non-polymer 7N-METHYL-8-HYDROGUANOSINE-5'-DIPHOSPHATE 'C11 H18 N5 O11 P2 1'
#
# COMPACT_ATOMS: atom_id res chain seq x y z
N GLU A 5 -39.91 -27.73 13.37
CA GLU A 5 -38.85 -28.80 13.40
C GLU A 5 -37.73 -28.50 12.41
N HIS A 6 -37.99 -27.55 11.51
CA HIS A 6 -37.02 -27.12 10.50
C HIS A 6 -37.22 -25.64 10.24
N TYR A 7 -38.11 -25.04 11.02
CA TYR A 7 -38.39 -23.61 10.90
C TYR A 7 -37.42 -22.88 11.84
N ILE A 8 -37.05 -23.56 12.92
CA ILE A 8 -36.12 -23.01 13.88
C ILE A 8 -34.72 -23.25 13.33
N LYS A 9 -33.81 -22.32 13.57
CA LYS A 9 -32.46 -22.47 13.07
C LYS A 9 -31.69 -23.48 13.92
N HIS A 10 -30.67 -24.08 13.32
CA HIS A 10 -29.84 -25.04 14.02
C HIS A 10 -28.51 -24.38 14.29
N PRO A 11 -28.28 -23.96 15.54
CA PRO A 11 -27.06 -23.29 15.99
C PRO A 11 -25.83 -24.18 15.98
N LEU A 12 -24.70 -23.59 15.63
CA LEU A 12 -23.44 -24.30 15.61
C LEU A 12 -22.86 -24.15 17.01
N GLN A 13 -21.86 -24.95 17.34
CA GLN A 13 -21.23 -24.89 18.64
C GLN A 13 -20.43 -23.61 18.75
N ASN A 14 -19.87 -23.18 17.63
CA ASN A 14 -19.07 -21.97 17.62
C ASN A 14 -19.54 -21.04 16.56
N ARG A 15 -19.10 -19.79 16.70
CA ARG A 15 -19.39 -18.76 15.73
C ARG A 15 -18.12 -18.79 14.87
N TRP A 16 -18.28 -18.76 13.55
CA TRP A 16 -17.12 -18.79 12.66
C TRP A 16 -17.05 -17.55 11.79
N ALA A 17 -15.84 -17.21 11.36
CA ALA A 17 -15.66 -16.07 10.50
C ALA A 17 -14.98 -16.55 9.22
N LEU A 18 -15.50 -16.11 8.08
CA LEU A 18 -14.89 -16.48 6.82
C LEU A 18 -14.01 -15.33 6.39
N TRP A 19 -12.75 -15.61 6.12
CA TRP A 19 -11.84 -14.58 5.66
C TRP A 19 -11.44 -14.90 4.25
N PHE A 20 -11.03 -13.86 3.53
CA PHE A 20 -10.59 -14.02 2.15
C PHE A 20 -9.32 -13.20 2.01
N PHE A 21 -8.38 -13.72 1.23
CA PHE A 21 -7.13 -13.01 0.99
C PHE A 21 -7.00 -12.84 -0.51
N LYS A 22 -6.70 -11.62 -0.94
CA LYS A 22 -6.51 -11.33 -2.36
C LYS A 22 -5.04 -10.98 -2.50
N ASN A 23 -4.31 -11.71 -3.34
CA ASN A 23 -2.90 -11.41 -3.49
C ASN A 23 -2.66 -10.20 -4.39
N ASP A 24 -3.09 -9.05 -3.90
CA ASP A 24 -2.91 -7.81 -4.63
C ASP A 24 -1.68 -7.20 -4.01
N LYS A 25 -0.65 -7.02 -4.83
CA LYS A 25 0.61 -6.47 -4.35
C LYS A 25 0.48 -4.99 -4.01
N SER A 26 -0.37 -4.72 -3.03
CA SER A 26 -0.63 -3.38 -2.53
C SER A 26 -1.17 -3.50 -1.09
N LYS A 27 -0.21 -3.50 -0.17
CA LYS A 27 -0.33 -3.59 1.28
C LYS A 27 0.00 -4.96 1.88
N THR A 28 0.75 -4.92 2.97
CA THR A 28 1.22 -6.11 3.69
C THR A 28 0.32 -7.35 3.59
N TRP A 29 0.93 -8.51 3.77
CA TRP A 29 0.17 -9.75 3.72
C TRP A 29 -1.07 -9.58 4.57
N GLN A 30 -0.88 -9.15 5.80
CA GLN A 30 -1.95 -8.92 6.75
C GLN A 30 -2.84 -7.76 6.32
N ALA A 31 -2.92 -7.47 5.03
CA ALA A 31 -3.69 -6.35 4.53
C ALA A 31 -4.83 -6.76 3.61
N ASN A 32 -4.47 -7.42 2.51
CA ASN A 32 -5.43 -7.91 1.53
C ASN A 32 -6.31 -8.92 2.24
N LEU A 33 -6.02 -9.11 3.52
CA LEU A 33 -6.74 -10.04 4.37
C LEU A 33 -8.03 -9.38 4.84
N ARG A 34 -9.17 -9.92 4.43
CA ARG A 34 -10.43 -9.36 4.84
C ARG A 34 -11.42 -10.36 5.40
N LEU A 35 -12.19 -9.92 6.38
CA LEU A 35 -13.20 -10.76 6.99
C LEU A 35 -14.46 -10.53 6.17
N ILE A 36 -15.00 -11.59 5.61
CA ILE A 36 -16.19 -11.49 4.79
C ILE A 36 -17.49 -11.53 5.60
N SER A 37 -17.63 -12.51 6.47
CA SER A 37 -18.85 -12.64 7.27
C SER A 37 -18.72 -13.64 8.40
N LYS A 38 -19.62 -13.55 9.37
CA LYS A 38 -19.64 -14.46 10.50
C LYS A 38 -20.99 -15.17 10.50
N PHE A 39 -21.03 -16.37 11.04
CA PHE A 39 -22.27 -17.13 11.09
C PHE A 39 -22.17 -18.10 12.24
N ASP A 40 -23.30 -18.41 12.84
CA ASP A 40 -23.32 -19.34 13.95
C ASP A 40 -24.43 -20.37 13.86
N THR A 41 -25.00 -20.51 12.66
CA THR A 41 -26.03 -21.51 12.44
C THR A 41 -25.72 -22.27 11.16
N VAL A 42 -26.31 -23.46 11.02
CA VAL A 42 -26.12 -24.26 9.83
C VAL A 42 -26.75 -23.53 8.64
N GLU A 43 -27.96 -23.00 8.85
CA GLU A 43 -28.67 -22.26 7.79
C GLU A 43 -27.87 -21.08 7.29
N ASP A 44 -27.32 -20.28 8.21
CA ASP A 44 -26.55 -19.11 7.81
C ASP A 44 -25.23 -19.51 7.13
N PHE A 45 -24.65 -20.63 7.52
CA PHE A 45 -23.42 -21.11 6.87
C PHE A 45 -23.71 -21.30 5.37
N TRP A 46 -24.75 -22.07 5.04
CA TRP A 46 -25.10 -22.34 3.65
C TRP A 46 -25.47 -21.09 2.86
N ALA A 47 -26.18 -20.17 3.51
CA ALA A 47 -26.57 -18.92 2.86
C ALA A 47 -25.32 -18.13 2.48
N LEU A 48 -24.22 -18.35 3.19
CA LEU A 48 -23.00 -17.63 2.84
C LEU A 48 -22.25 -18.42 1.75
N TYR A 49 -22.05 -19.71 2.03
CA TYR A 49 -21.32 -20.58 1.14
C TYR A 49 -21.92 -20.68 -0.25
N ASN A 50 -23.24 -20.87 -0.34
CA ASN A 50 -23.89 -20.96 -1.64
C ASN A 50 -23.75 -19.67 -2.43
N HIS A 51 -23.38 -18.59 -1.77
CA HIS A 51 -23.29 -17.31 -2.48
C HIS A 51 -21.95 -16.61 -2.58
N ILE A 52 -20.86 -17.36 -2.45
CA ILE A 52 -19.51 -16.81 -2.58
C ILE A 52 -18.77 -17.61 -3.64
N GLN A 53 -17.75 -17.02 -4.23
CA GLN A 53 -16.99 -17.69 -5.28
C GLN A 53 -16.42 -19.03 -4.82
N LEU A 54 -16.56 -20.04 -5.67
CA LEU A 54 -16.01 -21.35 -5.36
C LEU A 54 -14.49 -21.23 -5.36
N SER A 55 -13.85 -22.05 -4.54
CA SER A 55 -12.41 -22.06 -4.45
C SER A 55 -11.82 -22.36 -5.82
N SER A 56 -12.44 -23.31 -6.50
CA SER A 56 -11.99 -23.72 -7.84
C SER A 56 -12.10 -22.57 -8.82
N ASN A 57 -12.86 -21.55 -8.47
CA ASN A 57 -13.00 -20.41 -9.36
C ASN A 57 -12.23 -19.17 -8.90
N LEU A 58 -11.41 -19.32 -7.86
CA LEU A 58 -10.61 -18.21 -7.37
C LEU A 58 -9.34 -18.16 -8.22
N MET A 59 -8.75 -16.98 -8.35
CA MET A 59 -7.53 -16.84 -9.13
C MET A 59 -6.30 -17.09 -8.25
N PRO A 60 -5.19 -17.49 -8.87
CA PRO A 60 -3.92 -17.79 -8.20
C PRO A 60 -3.47 -16.73 -7.19
N GLY A 61 -3.10 -17.18 -6.00
CA GLY A 61 -2.65 -16.28 -4.96
C GLY A 61 -3.69 -15.89 -3.91
N CYS A 62 -4.89 -16.41 -4.03
CA CYS A 62 -5.96 -16.10 -3.07
C CYS A 62 -6.18 -17.23 -2.06
N ASP A 63 -6.77 -16.89 -0.92
CA ASP A 63 -7.09 -17.89 0.08
C ASP A 63 -8.43 -17.61 0.72
N TYR A 64 -9.03 -18.68 1.24
CA TYR A 64 -10.24 -18.61 2.02
C TYR A 64 -9.77 -19.19 3.37
N SER A 65 -10.32 -18.66 4.46
CA SER A 65 -9.98 -19.11 5.82
C SER A 65 -11.23 -19.11 6.70
N LEU A 66 -11.56 -20.26 7.27
CA LEU A 66 -12.68 -20.32 8.19
C LEU A 66 -12.07 -20.53 9.55
N PHE A 67 -12.21 -19.53 10.41
CA PHE A 67 -11.66 -19.62 11.75
C PHE A 67 -12.68 -19.28 12.81
N LYS A 68 -12.50 -19.87 13.99
CA LYS A 68 -13.38 -19.58 15.11
C LYS A 68 -13.33 -18.08 15.39
N ASP A 69 -14.48 -17.52 15.74
CA ASP A 69 -14.59 -16.11 16.03
C ASP A 69 -13.55 -15.73 17.10
N GLY A 70 -12.81 -14.65 16.87
CA GLY A 70 -11.80 -14.25 17.83
C GLY A 70 -10.41 -14.77 17.49
N ILE A 71 -10.29 -15.62 16.46
CA ILE A 71 -8.98 -16.11 16.05
C ILE A 71 -8.71 -15.68 14.63
N GLU A 72 -7.74 -14.79 14.46
CA GLU A 72 -7.39 -14.30 13.15
C GLU A 72 -6.63 -15.39 12.41
N PRO A 73 -6.84 -15.49 11.09
CA PRO A 73 -6.18 -16.51 10.28
C PRO A 73 -4.70 -16.25 10.04
N MET A 74 -3.92 -16.14 11.11
CA MET A 74 -2.48 -15.90 11.01
C MET A 74 -1.68 -16.63 12.08
N TRP A 75 -0.47 -17.07 11.73
CA TRP A 75 0.39 -17.79 12.64
C TRP A 75 0.53 -17.05 13.97
N GLU A 76 0.87 -15.78 13.87
CA GLU A 76 1.08 -14.95 15.05
C GLU A 76 -0.05 -14.92 16.08
N ASP A 77 -1.31 -15.11 15.68
CA ASP A 77 -2.41 -15.08 16.64
C ASP A 77 -2.10 -15.96 17.87
N GLU A 78 -2.57 -15.52 19.03
CA GLU A 78 -2.38 -16.22 20.29
C GLU A 78 -2.82 -17.69 20.26
N LYS A 79 -3.85 -17.99 19.48
CA LYS A 79 -4.34 -19.35 19.40
C LYS A 79 -3.67 -20.17 18.32
N ASN A 80 -2.75 -19.58 17.58
CA ASN A 80 -2.07 -20.31 16.50
C ASN A 80 -0.56 -20.39 16.68
N LYS A 81 0.00 -19.43 17.44
CA LYS A 81 1.44 -19.35 17.65
C LYS A 81 2.15 -20.61 18.14
N ARG A 82 1.49 -21.39 18.98
CA ARG A 82 2.08 -22.64 19.47
C ARG A 82 1.45 -23.81 18.73
N GLY A 83 0.62 -23.50 17.76
CA GLY A 83 -0.06 -24.54 17.03
C GLY A 83 0.56 -24.94 15.72
N GLY A 84 -0.25 -25.59 14.88
CA GLY A 84 0.23 -26.05 13.60
C GLY A 84 -0.94 -26.43 12.72
N ARG A 85 -0.65 -27.13 11.63
CA ARG A 85 -1.68 -27.50 10.70
C ARG A 85 -1.49 -28.83 9.97
N TRP A 86 -2.60 -29.50 9.70
CA TRP A 86 -2.58 -30.72 8.93
C TRP A 86 -2.60 -30.16 7.51
N LEU A 87 -1.63 -30.57 6.70
CA LEU A 87 -1.52 -30.02 5.35
C LEU A 87 -1.69 -30.99 4.21
N ILE A 88 -2.54 -30.62 3.27
CA ILE A 88 -2.77 -31.46 2.10
C ILE A 88 -2.44 -30.59 0.88
N THR A 89 -1.49 -31.05 0.07
CA THR A 89 -1.11 -30.34 -1.13
C THR A 89 -1.75 -31.05 -2.31
N LEU A 90 -2.47 -30.30 -3.14
CA LEU A 90 -3.19 -30.86 -4.28
C LEU A 90 -2.72 -30.38 -5.63
N ASN A 91 -2.90 -31.21 -6.65
CA ASN A 91 -2.53 -30.87 -8.02
C ASN A 91 -3.58 -29.91 -8.57
N LYS A 92 -3.17 -29.07 -9.53
CA LYS A 92 -4.10 -28.13 -10.16
C LYS A 92 -4.94 -28.98 -11.11
N GLN A 93 -6.09 -28.48 -11.51
CA GLN A 93 -6.94 -29.24 -12.42
C GLN A 93 -7.59 -28.33 -13.45
N GLN A 94 -7.39 -28.64 -14.73
CA GLN A 94 -7.98 -27.84 -15.80
C GLN A 94 -9.45 -28.21 -15.94
N ARG A 95 -9.82 -29.34 -15.33
CA ARG A 95 -11.18 -29.83 -15.31
C ARG A 95 -11.41 -30.32 -13.87
N ARG A 96 -12.12 -31.43 -13.72
CA ARG A 96 -12.41 -32.01 -12.40
C ARG A 96 -13.01 -31.04 -11.39
N SER A 97 -12.21 -30.10 -10.84
CA SER A 97 -12.68 -29.14 -9.84
C SER A 97 -12.78 -29.73 -8.42
N ASP A 98 -12.07 -30.82 -8.19
CA ASP A 98 -12.09 -31.51 -6.90
C ASP A 98 -11.70 -30.66 -5.70
N LEU A 99 -11.03 -29.53 -5.95
CA LEU A 99 -10.65 -28.66 -4.86
C LEU A 99 -11.86 -28.25 -4.03
N ASP A 100 -12.98 -28.00 -4.69
CA ASP A 100 -14.20 -27.60 -3.99
C ASP A 100 -14.74 -28.69 -3.08
N ARG A 101 -14.68 -29.95 -3.52
CA ARG A 101 -15.18 -31.05 -2.72
C ARG A 101 -14.36 -31.19 -1.43
N PHE A 102 -13.04 -31.05 -1.56
CA PHE A 102 -12.15 -31.17 -0.41
C PHE A 102 -12.35 -30.04 0.62
N TRP A 103 -12.46 -28.79 0.13
CA TRP A 103 -12.64 -27.62 1.00
C TRP A 103 -13.99 -27.66 1.69
N LEU A 104 -15.05 -27.95 0.95
CA LEU A 104 -16.37 -28.02 1.58
C LEU A 104 -16.35 -29.08 2.66
N GLU A 105 -15.75 -30.24 2.35
CA GLU A 105 -15.70 -31.33 3.33
C GLU A 105 -14.98 -30.86 4.58
N THR A 106 -13.94 -30.06 4.39
CA THR A 106 -13.17 -29.55 5.50
C THR A 106 -14.04 -28.62 6.33
N LEU A 107 -14.76 -27.72 5.64
CA LEU A 107 -15.66 -26.81 6.31
C LEU A 107 -16.69 -27.59 7.13
N LEU A 108 -17.22 -28.68 6.57
CA LEU A 108 -18.21 -29.47 7.29
C LEU A 108 -17.64 -30.06 8.58
N CYS A 109 -16.38 -30.51 8.54
CA CYS A 109 -15.74 -31.05 9.75
C CYS A 109 -15.61 -29.96 10.82
N LEU A 110 -15.31 -28.73 10.40
CA LEU A 110 -15.15 -27.64 11.35
C LEU A 110 -16.47 -27.24 12.01
N ILE A 111 -17.46 -26.86 11.20
CA ILE A 111 -18.73 -26.44 11.78
C ILE A 111 -19.54 -27.57 12.44
N GLY A 112 -19.36 -28.80 11.99
CA GLY A 112 -20.10 -29.89 12.60
C GLY A 112 -19.43 -30.45 13.84
N GLU A 113 -18.31 -29.85 14.24
CA GLU A 113 -17.54 -30.29 15.41
C GLU A 113 -17.26 -31.80 15.30
N SER A 114 -16.74 -32.22 14.15
CA SER A 114 -16.42 -33.63 13.90
C SER A 114 -15.24 -34.20 14.66
N PHE A 115 -14.51 -33.38 15.40
CA PHE A 115 -13.36 -33.89 16.11
C PHE A 115 -13.64 -34.19 17.59
N ASP A 116 -14.92 -34.32 17.89
CA ASP A 116 -15.37 -34.67 19.24
C ASP A 116 -14.61 -33.97 20.35
N ASP A 117 -14.11 -34.78 21.28
CA ASP A 117 -13.35 -34.34 22.43
C ASP A 117 -12.27 -33.30 22.14
N TYR A 118 -11.76 -33.30 20.92
CA TYR A 118 -10.68 -32.38 20.60
C TYR A 118 -11.01 -31.27 19.62
N SER A 119 -12.30 -31.00 19.43
CA SER A 119 -12.68 -29.94 18.51
C SER A 119 -12.28 -28.58 19.06
N ASP A 120 -12.03 -28.49 20.36
CA ASP A 120 -11.64 -27.20 20.92
C ASP A 120 -10.22 -26.83 20.53
N ASP A 121 -9.43 -27.85 20.19
CA ASP A 121 -8.05 -27.63 19.77
C ASP A 121 -8.00 -27.03 18.39
N VAL A 122 -9.06 -27.26 17.63
CA VAL A 122 -9.16 -26.75 16.26
C VAL A 122 -9.29 -25.23 16.25
N CYS A 123 -8.51 -24.56 15.40
CA CYS A 123 -8.56 -23.12 15.28
C CYS A 123 -9.31 -22.71 14.02
N GLY A 124 -9.03 -23.40 12.92
CA GLY A 124 -9.66 -23.07 11.67
C GLY A 124 -9.06 -23.86 10.52
N ALA A 125 -9.40 -23.46 9.30
CA ALA A 125 -8.92 -24.14 8.11
C ALA A 125 -8.63 -23.09 7.04
N VAL A 126 -7.65 -23.39 6.20
CA VAL A 126 -7.23 -22.49 5.14
C VAL A 126 -7.11 -23.20 3.79
N VAL A 127 -7.60 -22.57 2.73
CA VAL A 127 -7.43 -23.13 1.41
C VAL A 127 -6.68 -22.08 0.59
N ASN A 128 -5.48 -22.44 0.11
CA ASN A 128 -4.68 -21.53 -0.70
C ASN A 128 -4.77 -22.00 -2.16
N VAL A 129 -5.12 -21.09 -3.05
CA VAL A 129 -5.20 -21.41 -4.48
C VAL A 129 -3.91 -20.83 -5.05
N ARG A 130 -3.05 -21.68 -5.61
CA ARG A 130 -1.77 -21.23 -6.15
C ARG A 130 -1.55 -21.80 -7.53
N ALA A 131 -0.62 -21.21 -8.26
CA ALA A 131 -0.33 -21.66 -9.62
C ALA A 131 0.24 -23.07 -9.67
N LYS A 132 1.01 -23.44 -8.65
CA LYS A 132 1.63 -24.77 -8.60
C LYS A 132 0.97 -25.71 -7.59
N GLY A 133 -0.32 -25.98 -7.78
CA GLY A 133 -1.04 -26.86 -6.88
C GLY A 133 -1.68 -26.07 -5.75
N ASP A 134 -2.83 -26.54 -5.28
CA ASP A 134 -3.51 -25.85 -4.20
C ASP A 134 -3.25 -26.56 -2.89
N LYS A 135 -3.62 -25.92 -1.79
CA LYS A 135 -3.41 -26.49 -0.48
C LYS A 135 -4.58 -26.28 0.45
N ILE A 136 -4.87 -27.31 1.23
CA ILE A 136 -5.93 -27.23 2.21
C ILE A 136 -5.25 -27.65 3.52
N ALA A 137 -5.64 -27.00 4.61
CA ALA A 137 -5.05 -27.30 5.90
C ALA A 137 -6.01 -26.95 7.04
N ILE A 138 -5.88 -27.70 8.13
CA ILE A 138 -6.67 -27.47 9.33
C ILE A 138 -5.66 -27.07 10.40
N TRP A 139 -5.86 -25.89 10.96
CA TRP A 139 -4.97 -25.37 12.00
C TRP A 139 -5.50 -25.76 13.38
N THR A 140 -4.60 -26.08 14.31
CA THR A 140 -4.97 -26.44 15.68
C THR A 140 -4.12 -25.58 16.64
N THR A 141 -4.57 -25.42 17.89
CA THR A 141 -3.82 -24.57 18.85
C THR A 141 -2.48 -24.98 19.40
N GLU A 142 -2.34 -26.25 19.77
CA GLU A 142 -1.09 -26.73 20.38
C GLU A 142 -0.44 -27.89 19.63
N CYS A 143 0.68 -27.63 18.96
CA CYS A 143 1.35 -28.67 18.21
C CYS A 143 1.99 -29.71 19.13
N GLU A 144 1.81 -29.51 20.44
CA GLU A 144 2.36 -30.40 21.46
C GLU A 144 1.34 -31.44 21.91
N ASN A 145 0.06 -31.07 21.89
CA ASN A 145 -0.99 -32.00 22.30
C ASN A 145 -1.04 -33.14 21.30
N ARG A 146 -0.23 -34.16 21.54
CA ARG A 146 -0.16 -35.31 20.63
C ARG A 146 -1.50 -36.02 20.40
N ASP A 147 -2.22 -36.32 21.48
CA ASP A 147 -3.50 -37.01 21.34
C ASP A 147 -4.48 -36.23 20.48
N ALA A 148 -4.61 -34.94 20.79
CA ALA A 148 -5.54 -34.07 20.06
C ALA A 148 -5.19 -33.87 18.58
N VAL A 149 -3.94 -33.52 18.31
CA VAL A 149 -3.50 -33.30 16.95
C VAL A 149 -3.71 -34.56 16.15
N THR A 150 -3.24 -35.66 16.71
CA THR A 150 -3.35 -36.97 16.11
C THR A 150 -4.80 -37.45 15.86
N HIS A 151 -5.69 -37.19 16.80
CA HIS A 151 -7.10 -37.59 16.62
C HIS A 151 -7.70 -36.78 15.47
N ILE A 152 -7.54 -35.46 15.56
CA ILE A 152 -8.03 -34.56 14.53
C ILE A 152 -7.50 -35.05 13.18
N GLY A 153 -6.24 -35.48 13.15
CA GLY A 153 -5.67 -35.94 11.91
C GLY A 153 -6.35 -37.14 11.32
N ARG A 154 -6.51 -38.19 12.12
CA ARG A 154 -7.13 -39.42 11.64
C ARG A 154 -8.54 -39.18 11.13
N VAL A 155 -9.34 -38.49 11.94
CA VAL A 155 -10.72 -38.20 11.55
C VAL A 155 -10.77 -37.44 10.21
N TYR A 156 -9.89 -36.46 10.06
CA TYR A 156 -9.84 -35.64 8.86
C TYR A 156 -9.53 -36.42 7.60
N LYS A 157 -8.50 -37.25 7.66
CA LYS A 157 -8.06 -38.07 6.55
C LYS A 157 -9.22 -38.97 6.11
N GLU A 158 -9.87 -39.59 7.08
CA GLU A 158 -10.99 -40.49 6.82
C GLU A 158 -12.10 -39.70 6.11
N ARG A 159 -12.40 -38.53 6.68
CA ARG A 159 -13.42 -37.65 6.14
C ARG A 159 -13.09 -37.24 4.70
N LEU A 160 -11.81 -37.10 4.40
CA LEU A 160 -11.38 -36.73 3.05
C LEU A 160 -11.40 -37.98 2.18
N GLY A 161 -11.74 -39.12 2.79
CA GLY A 161 -11.80 -40.38 2.06
C GLY A 161 -10.43 -40.86 1.61
N LEU A 162 -9.36 -40.39 2.25
CA LEU A 162 -8.02 -40.80 1.87
C LEU A 162 -7.72 -42.25 2.30
N PRO A 163 -7.12 -43.03 1.40
CA PRO A 163 -6.78 -44.43 1.67
C PRO A 163 -5.55 -44.64 2.55
N PRO A 164 -5.48 -45.81 3.20
CA PRO A 164 -4.40 -46.22 4.10
C PRO A 164 -3.01 -45.94 3.55
N LYS A 165 -2.82 -46.17 2.25
CA LYS A 165 -1.51 -45.97 1.62
C LYS A 165 -1.06 -44.53 1.40
N ILE A 166 -1.93 -43.55 1.67
CA ILE A 166 -1.58 -42.15 1.43
C ILE A 166 -0.84 -41.32 2.50
N VAL A 167 -1.33 -41.32 3.74
CA VAL A 167 -0.75 -40.52 4.83
C VAL A 167 -0.63 -39.00 4.59
N ILE A 168 -0.87 -38.23 5.65
CA ILE A 168 -0.78 -36.77 5.59
C ILE A 168 0.07 -36.30 6.75
N GLY A 169 0.65 -35.11 6.61
CA GLY A 169 1.51 -34.61 7.66
C GLY A 169 1.06 -33.35 8.37
N TYR A 170 1.52 -33.23 9.60
CA TYR A 170 1.21 -32.07 10.43
C TYR A 170 2.50 -31.32 10.71
N GLN A 171 2.52 -30.04 10.39
CA GLN A 171 3.71 -29.24 10.63
C GLN A 171 3.37 -28.13 11.62
N SER A 172 4.31 -27.90 12.52
CA SER A 172 4.21 -26.86 13.53
C SER A 172 4.30 -25.53 12.77
N HIS A 173 3.68 -24.49 13.31
CA HIS A 173 3.73 -23.19 12.63
C HIS A 173 5.11 -22.56 12.78
N ALA A 174 5.73 -22.77 13.93
CA ALA A 174 7.07 -22.25 14.20
C ALA A 174 8.07 -22.87 13.22
N ASP A 175 7.80 -24.09 12.79
CA ASP A 175 8.68 -24.78 11.86
C ASP A 175 8.44 -24.26 10.44
N THR A 176 7.17 -24.11 10.08
CA THR A 176 6.83 -23.62 8.75
C THR A 176 7.36 -22.19 8.61
N ALA A 177 7.50 -21.51 9.74
CA ALA A 177 7.98 -20.14 9.77
C ALA A 177 9.50 -20.08 9.55
N THR A 178 10.23 -20.97 10.21
CA THR A 178 11.68 -20.98 10.08
C THR A 178 12.10 -21.91 8.94
N LYS A 185 9.57 -30.24 8.19
CA LYS A 185 9.15 -31.65 8.40
C LYS A 185 7.87 -31.74 9.24
N ASN A 186 7.31 -32.94 9.29
CA ASN A 186 6.07 -33.17 10.03
C ASN A 186 6.29 -33.67 11.45
N ARG A 187 5.65 -33.02 12.42
CA ARG A 187 5.74 -33.43 13.81
C ARG A 187 4.91 -34.69 13.96
N PHE A 188 3.94 -34.85 13.06
CA PHE A 188 3.08 -36.02 13.07
C PHE A 188 2.71 -36.41 11.65
N VAL A 189 2.23 -37.64 11.49
CA VAL A 189 1.80 -38.15 10.21
C VAL A 189 0.69 -39.14 10.50
N VAL A 190 -0.34 -39.15 9.68
CA VAL A 190 -1.45 -40.06 9.87
C VAL A 190 -1.84 -40.60 8.50
N GLU B 5 -20.24 9.52 -58.41
CA GLU B 5 -20.48 10.85 -57.77
C GLU B 5 -20.01 10.83 -56.31
N HIS B 6 -20.82 10.28 -55.41
CA HIS B 6 -20.43 10.20 -54.01
C HIS B 6 -19.66 8.90 -53.74
N TYR B 7 -18.34 9.01 -53.57
CA TYR B 7 -17.50 7.84 -53.32
C TYR B 7 -17.72 7.32 -51.90
N ILE B 8 -17.97 6.03 -51.79
CA ILE B 8 -18.22 5.42 -50.48
C ILE B 8 -16.95 4.82 -49.86
N LYS B 9 -16.62 5.30 -48.66
CA LYS B 9 -15.46 4.85 -47.92
C LYS B 9 -15.79 3.66 -47.05
N HIS B 10 -14.77 2.92 -46.63
CA HIS B 10 -14.98 1.76 -45.79
C HIS B 10 -14.75 2.14 -44.33
N PRO B 11 -15.83 2.12 -43.53
CA PRO B 11 -15.78 2.47 -42.11
C PRO B 11 -15.02 1.48 -41.23
N LEU B 12 -14.27 2.01 -40.27
CA LEU B 12 -13.52 1.18 -39.36
C LEU B 12 -14.39 0.88 -38.15
N GLN B 13 -14.04 -0.18 -37.43
CA GLN B 13 -14.78 -0.58 -36.25
C GLN B 13 -14.63 0.52 -35.22
N ASN B 14 -13.45 1.11 -35.17
CA ASN B 14 -13.17 2.14 -34.22
C ASN B 14 -12.62 3.38 -34.91
N ARG B 15 -12.70 4.48 -34.20
CA ARG B 15 -12.16 5.74 -34.66
C ARG B 15 -10.78 5.78 -34.00
N TRP B 16 -9.77 6.18 -34.75
CA TRP B 16 -8.43 6.22 -34.19
C TRP B 16 -7.82 7.61 -34.23
N ALA B 17 -6.92 7.88 -33.30
CA ALA B 17 -6.23 9.15 -33.23
C ALA B 17 -4.74 8.87 -33.32
N LEU B 18 -4.05 9.65 -34.13
CA LEU B 18 -2.61 9.52 -34.26
C LEU B 18 -1.94 10.63 -33.45
N TRP B 19 -0.98 10.26 -32.62
CA TRP B 19 -0.30 11.25 -31.80
C TRP B 19 1.18 11.28 -32.15
N PHE B 20 1.80 12.42 -31.87
CA PHE B 20 3.22 12.60 -32.13
C PHE B 20 3.87 13.08 -30.84
N PHE B 21 5.06 12.57 -30.56
CA PHE B 21 5.80 13.00 -29.39
C PHE B 21 7.00 13.78 -29.91
N LYS B 22 7.09 15.05 -29.55
CA LYS B 22 8.21 15.89 -29.97
C LYS B 22 9.11 15.93 -28.73
N ASN B 23 10.33 15.47 -28.86
CA ASN B 23 11.21 15.42 -27.71
C ASN B 23 11.75 16.77 -27.24
N ASP B 24 10.90 17.55 -26.57
CA ASP B 24 11.30 18.85 -26.05
C ASP B 24 11.62 18.58 -24.59
N LYS B 25 12.92 18.56 -24.26
CA LYS B 25 13.36 18.29 -22.89
C LYS B 25 13.06 19.36 -21.85
N SER B 26 12.49 20.48 -22.27
CA SER B 26 12.17 21.54 -21.32
C SER B 26 10.71 21.43 -20.88
N LYS B 27 10.02 20.42 -21.38
CA LYS B 27 8.61 20.24 -21.04
C LYS B 27 8.31 18.86 -20.45
N THR B 28 7.18 18.74 -19.78
CA THR B 28 6.81 17.47 -19.20
C THR B 28 6.53 16.46 -20.31
N TRP B 29 6.80 15.19 -20.04
CA TRP B 29 6.59 14.13 -21.02
C TRP B 29 5.23 14.24 -21.70
N GLN B 30 4.24 14.53 -20.88
CA GLN B 30 2.88 14.62 -21.34
C GLN B 30 2.63 15.85 -22.20
N ALA B 31 3.41 16.91 -21.95
CA ALA B 31 3.27 18.15 -22.70
C ALA B 31 3.83 18.04 -24.12
N ASN B 32 4.69 17.06 -24.34
CA ASN B 32 5.30 16.85 -25.66
C ASN B 32 4.39 16.10 -26.61
N LEU B 33 3.18 15.79 -26.13
CA LEU B 33 2.20 15.06 -26.93
C LEU B 33 1.37 15.99 -27.80
N ARG B 34 1.25 15.61 -29.06
CA ARG B 34 0.48 16.39 -30.02
C ARG B 34 -0.46 15.49 -30.80
N LEU B 35 -1.73 15.85 -30.80
CA LEU B 35 -2.76 15.12 -31.51
C LEU B 35 -2.66 15.55 -32.96
N ILE B 36 -2.27 14.62 -33.83
CA ILE B 36 -2.15 14.94 -35.24
C ILE B 36 -3.47 14.93 -35.97
N SER B 37 -4.17 13.79 -35.90
CA SER B 37 -5.43 13.65 -36.60
C SER B 37 -6.17 12.38 -36.18
N LYS B 38 -7.46 12.33 -36.51
CA LYS B 38 -8.30 11.18 -36.18
C LYS B 38 -8.96 10.73 -37.48
N PHE B 39 -9.29 9.44 -37.58
CA PHE B 39 -9.92 8.90 -38.79
C PHE B 39 -10.77 7.66 -38.44
N ASP B 40 -11.74 7.33 -39.28
CA ASP B 40 -12.58 6.17 -38.99
C ASP B 40 -12.94 5.37 -40.23
N THR B 41 -12.16 5.55 -41.28
CA THR B 41 -12.36 4.80 -42.51
C THR B 41 -11.02 4.34 -43.04
N VAL B 42 -11.05 3.28 -43.84
CA VAL B 42 -9.85 2.74 -44.47
C VAL B 42 -9.12 3.83 -45.27
N GLU B 43 -9.85 4.45 -46.19
CA GLU B 43 -9.27 5.47 -47.03
C GLU B 43 -8.70 6.64 -46.24
N ASP B 44 -9.41 7.06 -45.20
CA ASP B 44 -8.92 8.17 -44.40
C ASP B 44 -7.66 7.80 -43.66
N PHE B 45 -7.50 6.52 -43.34
CA PHE B 45 -6.28 6.10 -42.71
C PHE B 45 -5.08 6.33 -43.65
N TRP B 46 -5.21 5.82 -44.89
CA TRP B 46 -4.14 5.94 -45.87
C TRP B 46 -3.83 7.38 -46.22
N ALA B 47 -4.86 8.23 -46.26
CA ALA B 47 -4.67 9.63 -46.57
C ALA B 47 -3.78 10.26 -45.49
N LEU B 48 -3.97 9.87 -44.24
CA LEU B 48 -3.13 10.40 -43.19
C LEU B 48 -1.73 9.81 -43.31
N TYR B 49 -1.66 8.48 -43.23
CA TYR B 49 -0.40 7.76 -43.29
C TYR B 49 0.51 8.15 -44.46
N ASN B 50 -0.07 8.22 -45.66
CA ASN B 50 0.70 8.56 -46.85
C ASN B 50 1.22 9.99 -46.85
N HIS B 51 0.72 10.82 -45.94
CA HIS B 51 1.11 12.22 -45.89
C HIS B 51 1.92 12.68 -44.70
N ILE B 52 2.35 11.74 -43.87
CA ILE B 52 3.15 12.10 -42.71
C ILE B 52 4.50 11.39 -42.84
N GLN B 53 5.48 11.88 -42.12
CA GLN B 53 6.83 11.33 -42.14
C GLN B 53 6.89 9.87 -41.71
N LEU B 54 7.68 9.06 -42.41
CA LEU B 54 7.83 7.66 -42.03
C LEU B 54 8.56 7.63 -40.70
N SER B 55 8.25 6.63 -39.88
CA SER B 55 8.88 6.50 -38.56
C SER B 55 10.40 6.48 -38.67
N SER B 56 10.92 5.79 -39.69
CA SER B 56 12.36 5.70 -39.86
C SER B 56 13.01 7.06 -40.06
N ASN B 57 12.23 8.07 -40.48
CA ASN B 57 12.81 9.38 -40.70
C ASN B 57 12.58 10.38 -39.56
N LEU B 58 11.96 9.93 -38.47
CA LEU B 58 11.73 10.84 -37.35
C LEU B 58 13.04 11.09 -36.62
N MET B 59 13.09 12.16 -35.83
CA MET B 59 14.29 12.48 -35.06
C MET B 59 14.33 11.61 -33.81
N PRO B 60 15.46 10.92 -33.57
CA PRO B 60 15.58 10.06 -32.39
C PRO B 60 15.07 10.78 -31.14
N GLY B 61 14.09 10.17 -30.48
CA GLY B 61 13.50 10.77 -29.30
C GLY B 61 12.01 11.02 -29.49
N CYS B 62 11.55 10.98 -30.74
CA CYS B 62 10.14 11.19 -31.07
C CYS B 62 9.40 9.88 -31.26
N ASP B 63 8.08 9.90 -31.03
CA ASP B 63 7.23 8.73 -31.23
C ASP B 63 5.97 9.08 -32.01
N TYR B 64 5.27 8.01 -32.40
CA TYR B 64 3.98 8.08 -33.05
C TYR B 64 3.19 7.15 -32.16
N SER B 65 1.91 7.44 -31.96
CA SER B 65 1.04 6.58 -31.18
C SER B 65 -0.30 6.59 -31.87
N LEU B 66 -0.86 5.41 -32.15
CA LEU B 66 -2.18 5.31 -32.76
C LEU B 66 -3.06 4.71 -31.67
N PHE B 67 -4.04 5.47 -31.20
CA PHE B 67 -4.91 4.99 -30.13
C PHE B 67 -6.37 5.20 -30.42
N LYS B 68 -7.19 4.28 -29.92
CA LYS B 68 -8.61 4.41 -30.09
C LYS B 68 -9.03 5.79 -29.56
N ASP B 69 -9.94 6.42 -30.29
CA ASP B 69 -10.45 7.73 -29.92
C ASP B 69 -10.83 7.68 -28.45
N GLY B 70 -10.45 8.70 -27.70
CA GLY B 70 -10.80 8.73 -26.30
C GLY B 70 -9.73 8.14 -25.39
N ILE B 71 -8.73 7.45 -25.95
CA ILE B 71 -7.67 6.93 -25.09
C ILE B 71 -6.35 7.67 -25.34
N GLU B 72 -5.89 8.42 -24.35
CA GLU B 72 -4.64 9.16 -24.49
C GLU B 72 -3.50 8.13 -24.44
N PRO B 73 -2.43 8.38 -25.22
CA PRO B 73 -1.28 7.47 -25.28
C PRO B 73 -0.36 7.56 -24.07
N MET B 74 -0.88 7.28 -22.88
CA MET B 74 -0.08 7.37 -21.66
C MET B 74 -0.58 6.42 -20.58
N TRP B 75 0.34 6.02 -19.69
CA TRP B 75 -0.02 5.11 -18.60
C TRP B 75 -1.18 5.60 -17.74
N GLU B 76 -1.23 6.93 -17.54
CA GLU B 76 -2.26 7.53 -16.68
C GLU B 76 -3.69 7.38 -17.13
N ASP B 77 -3.91 7.03 -18.39
CA ASP B 77 -5.25 6.88 -18.90
C ASP B 77 -5.98 5.72 -18.21
N GLU B 78 -7.25 5.92 -17.90
CA GLU B 78 -8.04 4.89 -17.24
C GLU B 78 -7.96 3.57 -17.97
N LYS B 79 -8.00 3.64 -19.30
CA LYS B 79 -7.93 2.44 -20.13
C LYS B 79 -6.50 1.91 -20.27
N ASN B 80 -5.53 2.58 -19.66
CA ASN B 80 -4.16 2.10 -19.75
C ASN B 80 -3.52 1.70 -18.42
N LYS B 81 -3.89 2.38 -17.35
CA LYS B 81 -3.27 2.13 -16.04
C LYS B 81 -3.19 0.69 -15.55
N ARG B 82 -4.20 -0.12 -15.80
CA ARG B 82 -4.16 -1.51 -15.38
C ARG B 82 -3.63 -2.37 -16.52
N GLY B 83 -3.21 -1.71 -17.60
CA GLY B 83 -2.75 -2.44 -18.77
C GLY B 83 -1.27 -2.77 -18.89
N GLY B 84 -0.90 -3.18 -20.10
CA GLY B 84 0.47 -3.54 -20.38
C GLY B 84 0.77 -3.42 -21.87
N ARG B 85 1.99 -3.80 -22.24
CA ARG B 85 2.43 -3.67 -23.63
C ARG B 85 3.16 -4.91 -24.21
N TRP B 86 2.84 -5.26 -25.47
CA TRP B 86 3.55 -6.33 -26.14
C TRP B 86 4.65 -5.56 -26.86
N LEU B 87 5.89 -5.74 -26.39
CA LEU B 87 7.02 -5.00 -26.89
C LEU B 87 7.91 -5.64 -27.97
N ILE B 88 8.15 -4.90 -29.04
CA ILE B 88 9.01 -5.40 -30.10
C ILE B 88 10.23 -4.47 -30.08
N THR B 89 11.39 -5.07 -29.88
CA THR B 89 12.64 -4.33 -29.84
C THR B 89 13.40 -4.54 -31.13
N LEU B 90 13.90 -3.45 -31.70
CA LEU B 90 14.66 -3.53 -32.94
C LEU B 90 16.06 -2.97 -32.72
N ASN B 91 17.04 -3.50 -33.44
CA ASN B 91 18.40 -2.98 -33.32
C ASN B 91 18.51 -1.83 -34.30
N LYS B 92 19.63 -1.11 -34.26
CA LYS B 92 19.84 0.04 -35.13
C LYS B 92 19.76 -0.33 -36.60
N GLN B 93 20.35 -1.46 -36.97
CA GLN B 93 20.34 -1.91 -38.35
C GLN B 93 18.94 -2.07 -38.92
N GLN B 94 18.01 -2.55 -38.11
CA GLN B 94 16.64 -2.78 -38.55
C GLN B 94 15.84 -1.51 -38.87
N ARG B 95 16.25 -0.36 -38.34
CA ARG B 95 15.54 0.88 -38.58
C ARG B 95 15.08 1.06 -40.01
N ARG B 96 16.02 0.97 -40.95
CA ARG B 96 15.72 1.15 -42.36
C ARG B 96 15.14 -0.10 -43.01
N SER B 97 15.37 -1.26 -42.40
CA SER B 97 14.88 -2.52 -42.96
C SER B 97 13.57 -3.06 -42.41
N ASP B 98 13.29 -2.80 -41.13
CA ASP B 98 12.07 -3.33 -40.52
C ASP B 98 11.12 -2.34 -39.83
N LEU B 99 11.66 -1.26 -39.28
CA LEU B 99 10.86 -0.29 -38.54
C LEU B 99 9.52 0.14 -39.16
N ASP B 100 9.58 0.76 -40.34
CA ASP B 100 8.35 1.24 -41.00
C ASP B 100 7.46 0.07 -41.35
N ARG B 101 8.09 -1.03 -41.76
CA ARG B 101 7.42 -2.25 -42.13
C ARG B 101 6.59 -2.79 -40.95
N PHE B 102 7.24 -2.93 -39.82
CA PHE B 102 6.58 -3.45 -38.63
C PHE B 102 5.54 -2.48 -38.10
N TRP B 103 5.85 -1.20 -38.11
CA TRP B 103 4.92 -0.19 -37.61
C TRP B 103 3.64 -0.21 -38.45
N LEU B 104 3.79 -0.26 -39.77
CA LEU B 104 2.62 -0.28 -40.62
C LEU B 104 1.78 -1.52 -40.30
N GLU B 105 2.43 -2.67 -40.22
CA GLU B 105 1.74 -3.93 -39.94
C GLU B 105 1.01 -3.85 -38.61
N THR B 106 1.62 -3.19 -37.63
CA THR B 106 0.99 -3.02 -36.33
C THR B 106 -0.29 -2.21 -36.55
N LEU B 107 -0.19 -1.09 -37.25
CA LEU B 107 -1.35 -0.25 -37.54
C LEU B 107 -2.47 -1.02 -38.23
N LEU B 108 -2.11 -1.89 -39.17
CA LEU B 108 -3.12 -2.68 -39.87
C LEU B 108 -3.81 -3.65 -38.92
N CYS B 109 -3.07 -4.18 -37.94
CA CYS B 109 -3.66 -5.10 -36.98
C CYS B 109 -4.64 -4.33 -36.11
N LEU B 110 -4.38 -3.04 -35.91
CA LEU B 110 -5.26 -2.24 -35.08
C LEU B 110 -6.53 -1.80 -35.82
N ILE B 111 -6.38 -1.10 -36.94
CA ILE B 111 -7.56 -0.62 -37.65
C ILE B 111 -8.39 -1.76 -38.24
N GLY B 112 -7.75 -2.88 -38.53
CA GLY B 112 -8.46 -4.00 -39.10
C GLY B 112 -9.11 -4.93 -38.08
N GLU B 113 -8.85 -4.68 -36.79
CA GLU B 113 -9.40 -5.49 -35.69
C GLU B 113 -8.95 -6.95 -35.85
N SER B 114 -7.66 -7.15 -36.06
CA SER B 114 -7.10 -8.47 -36.27
C SER B 114 -7.15 -9.45 -35.11
N PHE B 115 -7.31 -8.97 -33.89
CA PHE B 115 -7.32 -9.87 -32.75
C PHE B 115 -8.70 -10.42 -32.42
N ASP B 116 -9.61 -10.28 -33.37
CA ASP B 116 -10.98 -10.77 -33.23
C ASP B 116 -11.74 -10.40 -31.97
N ASP B 117 -12.27 -11.38 -31.24
CA ASP B 117 -13.04 -11.07 -30.05
C ASP B 117 -12.23 -10.46 -28.90
N TYR B 118 -10.95 -10.21 -29.13
CA TYR B 118 -10.11 -9.59 -28.10
C TYR B 118 -9.59 -8.24 -28.58
N SER B 119 -10.03 -7.82 -29.76
CA SER B 119 -9.59 -6.53 -30.28
C SER B 119 -10.02 -5.43 -29.31
N ASP B 120 -11.11 -5.67 -28.58
CA ASP B 120 -11.60 -4.70 -27.61
C ASP B 120 -10.60 -4.39 -26.50
N ASP B 121 -9.70 -5.33 -26.23
CA ASP B 121 -8.69 -5.12 -25.19
C ASP B 121 -7.57 -4.23 -25.71
N VAL B 122 -7.55 -4.02 -27.02
CA VAL B 122 -6.52 -3.19 -27.62
C VAL B 122 -6.79 -1.71 -27.36
N CYS B 123 -5.77 -0.97 -26.96
CA CYS B 123 -5.94 0.46 -26.72
C CYS B 123 -5.27 1.22 -27.85
N GLY B 124 -4.04 0.80 -28.16
CA GLY B 124 -3.30 1.45 -29.23
C GLY B 124 -1.95 0.83 -29.49
N ALA B 125 -1.07 1.60 -30.12
CA ALA B 125 0.26 1.13 -30.44
C ALA B 125 1.18 2.32 -30.40
N VAL B 126 2.44 2.05 -30.10
CA VAL B 126 3.44 3.10 -29.98
C VAL B 126 4.72 2.69 -30.68
N VAL B 127 5.35 3.64 -31.36
CA VAL B 127 6.63 3.37 -31.99
C VAL B 127 7.59 4.46 -31.54
N ASN B 128 8.61 4.08 -30.79
CA ASN B 128 9.60 5.02 -30.31
C ASN B 128 10.85 4.91 -31.18
N VAL B 129 11.31 6.05 -31.68
CA VAL B 129 12.51 6.11 -32.49
C VAL B 129 13.60 6.59 -31.53
N ARG B 130 14.48 5.66 -31.13
CA ARG B 130 15.55 5.95 -30.19
C ARG B 130 16.91 5.47 -30.71
N ALA B 131 17.96 6.18 -30.32
CA ALA B 131 19.32 5.82 -30.73
C ALA B 131 19.76 4.48 -30.15
N LYS B 132 19.34 4.16 -28.94
CA LYS B 132 19.73 2.90 -28.32
C LYS B 132 18.87 1.71 -28.76
N GLY B 133 18.06 1.91 -29.79
CA GLY B 133 17.20 0.84 -30.29
C GLY B 133 15.74 1.22 -30.42
N ASP B 134 15.19 1.16 -31.63
CA ASP B 134 13.79 1.50 -31.85
C ASP B 134 12.84 0.53 -31.16
N LYS B 135 11.60 0.95 -30.96
CA LYS B 135 10.58 0.14 -30.30
C LYS B 135 9.17 0.33 -30.85
N ILE B 136 8.45 -0.77 -30.97
CA ILE B 136 7.08 -0.80 -31.44
C ILE B 136 6.34 -1.66 -30.44
N ALA B 137 5.17 -1.21 -29.99
CA ALA B 137 4.42 -1.98 -29.02
C ALA B 137 2.92 -1.75 -29.13
N ILE B 138 2.15 -2.78 -28.79
CA ILE B 138 0.70 -2.69 -28.78
C ILE B 138 0.26 -2.65 -27.32
N TRP B 139 -0.47 -1.61 -26.96
CA TRP B 139 -0.95 -1.45 -25.59
C TRP B 139 -2.36 -2.06 -25.43
N THR B 140 -2.59 -2.82 -24.35
CA THR B 140 -3.90 -3.43 -24.05
C THR B 140 -4.41 -2.89 -22.68
N THR B 141 -5.71 -2.94 -22.42
CA THR B 141 -6.24 -2.39 -21.16
C THR B 141 -5.96 -3.10 -19.85
N GLU B 142 -5.91 -4.42 -19.86
CA GLU B 142 -5.67 -5.15 -18.62
C GLU B 142 -4.67 -6.29 -18.73
N CYS B 143 -3.56 -6.17 -18.00
CA CYS B 143 -2.55 -7.22 -18.03
C CYS B 143 -3.08 -8.48 -17.32
N GLU B 144 -4.21 -8.32 -16.64
CA GLU B 144 -4.85 -9.41 -15.91
C GLU B 144 -5.68 -10.35 -16.78
N ASN B 145 -6.16 -9.88 -17.93
CA ASN B 145 -6.96 -10.72 -18.81
C ASN B 145 -6.06 -11.57 -19.69
N ARG B 146 -5.63 -12.71 -19.14
CA ARG B 146 -4.74 -13.63 -19.83
C ARG B 146 -5.21 -14.06 -21.21
N ASP B 147 -6.48 -14.46 -21.32
CA ASP B 147 -6.96 -14.90 -22.63
C ASP B 147 -6.75 -13.84 -23.70
N ALA B 148 -7.04 -12.59 -23.35
CA ALA B 148 -6.87 -11.49 -24.32
C ALA B 148 -5.39 -11.23 -24.60
N VAL B 149 -4.62 -11.01 -23.54
CA VAL B 149 -3.20 -10.73 -23.65
C VAL B 149 -2.45 -11.81 -24.43
N THR B 150 -2.82 -13.05 -24.16
CA THR B 150 -2.25 -14.24 -24.78
C THR B 150 -2.55 -14.29 -26.27
N HIS B 151 -3.83 -14.18 -26.61
CA HIS B 151 -4.24 -14.21 -28.00
C HIS B 151 -3.58 -13.07 -28.78
N ILE B 152 -3.54 -11.88 -28.18
CA ILE B 152 -2.95 -10.74 -28.86
C ILE B 152 -1.47 -10.95 -29.13
N GLY B 153 -0.75 -11.40 -28.10
CA GLY B 153 0.68 -11.65 -28.25
C GLY B 153 0.96 -12.62 -29.39
N ARG B 154 0.24 -13.73 -29.41
CA ARG B 154 0.43 -14.75 -30.43
C ARG B 154 0.15 -14.26 -31.85
N VAL B 155 -1.02 -13.68 -32.03
CA VAL B 155 -1.41 -13.18 -33.35
C VAL B 155 -0.47 -12.08 -33.85
N TYR B 156 -0.04 -11.19 -32.95
CA TYR B 156 0.85 -10.09 -33.31
C TYR B 156 2.21 -10.61 -33.76
N LYS B 157 2.80 -11.52 -33.00
CA LYS B 157 4.09 -12.09 -33.36
C LYS B 157 3.91 -12.74 -34.75
N GLU B 158 2.80 -13.46 -34.92
CA GLU B 158 2.52 -14.11 -36.19
C GLU B 158 2.46 -13.06 -37.31
N ARG B 159 1.76 -11.95 -37.06
CA ARG B 159 1.63 -10.90 -38.05
C ARG B 159 2.94 -10.21 -38.41
N LEU B 160 3.89 -10.20 -37.47
CA LEU B 160 5.17 -9.58 -37.76
C LEU B 160 6.08 -10.57 -38.45
N GLY B 161 5.65 -11.83 -38.50
CA GLY B 161 6.47 -12.86 -39.12
C GLY B 161 7.70 -13.23 -38.28
N LEU B 162 7.65 -12.91 -36.98
CA LEU B 162 8.77 -13.22 -36.12
C LEU B 162 8.83 -14.72 -35.88
N PRO B 163 10.00 -15.32 -36.12
CA PRO B 163 10.20 -16.77 -35.94
C PRO B 163 10.02 -17.22 -34.50
N PRO B 164 9.69 -18.51 -34.32
CA PRO B 164 9.51 -19.03 -32.96
C PRO B 164 10.71 -18.76 -32.05
N LYS B 165 11.91 -18.77 -32.61
CA LYS B 165 13.11 -18.57 -31.79
C LYS B 165 13.32 -17.19 -31.15
N ILE B 166 12.71 -16.15 -31.69
CA ILE B 166 12.85 -14.86 -31.02
C ILE B 166 11.63 -14.67 -30.14
N VAL B 167 11.86 -14.33 -28.89
CA VAL B 167 10.77 -14.15 -27.97
C VAL B 167 10.54 -12.69 -27.65
N ILE B 168 9.27 -12.31 -27.62
CA ILE B 168 8.87 -10.94 -27.31
C ILE B 168 8.16 -10.99 -25.97
N GLY B 169 8.26 -9.91 -25.21
CA GLY B 169 7.63 -9.87 -23.91
C GLY B 169 6.52 -8.87 -23.74
N TYR B 170 5.62 -9.19 -22.82
CA TYR B 170 4.50 -8.33 -22.47
C TYR B 170 4.85 -7.75 -21.10
N GLN B 171 4.84 -6.42 -20.99
CA GLN B 171 5.16 -5.77 -19.71
C GLN B 171 3.97 -4.92 -19.31
N SER B 172 3.64 -4.93 -18.02
CA SER B 172 2.54 -4.10 -17.55
C SER B 172 3.16 -2.71 -17.39
N HIS B 173 2.35 -1.67 -17.58
CA HIS B 173 2.86 -0.31 -17.45
C HIS B 173 3.27 0.01 -16.01
N ALA B 174 2.63 -0.64 -15.04
CA ALA B 174 2.95 -0.41 -13.63
C ALA B 174 4.40 -0.80 -13.39
N ASP B 175 4.86 -1.85 -14.05
CA ASP B 175 6.24 -2.30 -13.90
C ASP B 175 7.16 -1.36 -14.65
N THR B 176 6.71 -0.95 -15.83
CA THR B 176 7.48 -0.05 -16.68
C THR B 176 7.67 1.30 -16.00
N ALA B 177 6.62 1.79 -15.35
CA ALA B 177 6.65 3.07 -14.67
C ALA B 177 7.71 3.15 -13.54
N THR B 178 8.12 1.99 -13.02
CA THR B 178 9.13 1.98 -11.96
C THR B 178 10.53 1.87 -12.56
N LYS B 185 10.72 -6.14 -16.22
CA LYS B 185 10.41 -7.60 -16.30
C LYS B 185 9.17 -7.87 -17.15
N ASN B 186 8.95 -9.13 -17.50
CA ASN B 186 7.81 -9.51 -18.32
C ASN B 186 6.77 -10.34 -17.56
N ARG B 187 5.50 -10.14 -17.88
CA ARG B 187 4.41 -10.89 -17.27
C ARG B 187 4.10 -12.09 -18.17
N PHE B 188 4.42 -11.95 -19.46
CA PHE B 188 4.19 -13.00 -20.46
C PHE B 188 5.25 -12.91 -21.55
N VAL B 189 5.56 -14.04 -22.18
CA VAL B 189 6.51 -14.07 -23.29
C VAL B 189 5.92 -14.94 -24.39
N VAL B 190 6.16 -14.57 -25.64
CA VAL B 190 5.65 -15.34 -26.77
C VAL B 190 6.80 -15.79 -27.67
N PRO C 4 18.52 33.66 16.74
CA PRO C 4 18.21 33.81 18.18
C PRO C 4 16.77 33.45 18.50
N GLU C 5 15.83 33.90 17.65
CA GLU C 5 14.42 33.62 17.85
C GLU C 5 14.19 32.12 17.73
N HIS C 6 15.25 31.38 17.44
CA HIS C 6 15.18 29.94 17.33
C HIS C 6 14.83 29.38 18.69
N TYR C 7 13.53 29.16 18.93
CA TYR C 7 13.11 28.63 20.22
C TYR C 7 13.82 27.30 20.49
N ILE C 8 14.32 27.15 21.70
CA ILE C 8 15.01 25.92 22.07
C ILE C 8 14.05 25.02 22.86
N LYS C 9 13.81 23.82 22.33
CA LYS C 9 12.91 22.86 22.96
C LYS C 9 13.59 22.06 24.08
N HIS C 10 12.78 21.45 24.95
CA HIS C 10 13.30 20.64 26.04
C HIS C 10 13.23 19.18 25.61
N PRO C 11 14.39 18.55 25.40
CA PRO C 11 14.46 17.14 24.98
C PRO C 11 13.94 16.13 25.98
N LEU C 12 13.09 15.21 25.50
CA LEU C 12 12.56 14.17 26.36
C LEU C 12 13.63 13.09 26.42
N GLN C 13 13.50 12.17 27.36
CA GLN C 13 14.46 11.08 27.48
C GLN C 13 14.31 10.15 26.29
N ASN C 14 13.06 9.91 25.90
CA ASN C 14 12.75 9.04 24.78
C ASN C 14 11.90 9.71 23.72
N ARG C 15 11.89 9.11 22.53
CA ARG C 15 11.06 9.60 21.43
C ARG C 15 9.84 8.68 21.50
N TRP C 16 8.65 9.27 21.40
CA TRP C 16 7.43 8.50 21.48
C TRP C 16 6.61 8.60 20.20
N ALA C 17 5.73 7.63 20.01
CA ALA C 17 4.89 7.61 18.83
C ALA C 17 3.43 7.50 19.25
N LEU C 18 2.57 8.35 18.69
CA LEU C 18 1.15 8.32 18.99
C LEU C 18 0.44 7.47 17.93
N TRP C 19 -0.36 6.50 18.38
CA TRP C 19 -1.09 5.61 17.48
C TRP C 19 -2.58 5.76 17.70
N PHE C 20 -3.33 5.54 16.63
CA PHE C 20 -4.78 5.64 16.66
C PHE C 20 -5.34 4.32 16.16
N PHE C 21 -6.50 3.92 16.67
CA PHE C 21 -7.11 2.68 16.23
C PHE C 21 -8.57 2.93 15.84
N LYS C 22 -8.86 2.72 14.56
CA LYS C 22 -10.21 2.87 14.05
C LYS C 22 -10.68 1.45 13.88
N ASN C 23 -11.82 1.12 14.47
CA ASN C 23 -12.31 -0.25 14.38
C ASN C 23 -13.02 -0.54 13.06
N ASP C 24 -12.34 -1.24 12.17
CA ASP C 24 -12.91 -1.64 10.89
C ASP C 24 -13.02 -3.15 11.02
N LYS C 25 -14.23 -3.62 11.29
CA LYS C 25 -14.50 -5.03 11.51
C LYS C 25 -14.16 -5.94 10.33
N SER C 26 -13.89 -5.37 9.16
CA SER C 26 -13.57 -6.19 8.00
C SER C 26 -12.08 -6.49 7.88
N LYS C 27 -11.27 -5.90 8.77
CA LYS C 27 -9.83 -6.12 8.74
C LYS C 27 -9.32 -6.77 10.04
N THR C 28 -8.10 -7.31 10.01
CA THR C 28 -7.52 -7.89 11.21
C THR C 28 -7.24 -6.69 12.11
N TRP C 29 -7.30 -6.90 13.42
CA TRP C 29 -7.07 -5.83 14.40
C TRP C 29 -5.85 -4.96 14.06
N GLN C 30 -4.72 -5.63 13.83
CA GLN C 30 -3.46 -5.01 13.49
C GLN C 30 -3.54 -3.99 12.36
N ALA C 31 -4.30 -4.33 11.32
CA ALA C 31 -4.48 -3.47 10.14
C ALA C 31 -5.21 -2.17 10.40
N ASN C 32 -5.94 -2.08 11.51
CA ASN C 32 -6.68 -0.87 11.86
C ASN C 32 -5.84 0.12 12.66
N LEU C 33 -4.57 -0.23 12.86
CA LEU C 33 -3.64 0.60 13.61
C LEU C 33 -3.02 1.69 12.74
N ARG C 34 -3.00 2.91 13.24
CA ARG C 34 -2.43 4.00 12.46
C ARG C 34 -1.50 4.89 13.30
N LEU C 35 -0.28 5.08 12.80
CA LEU C 35 0.70 5.93 13.48
C LEU C 35 0.30 7.36 13.12
N ILE C 36 0.12 8.19 14.15
CA ILE C 36 -0.30 9.57 13.95
C ILE C 36 0.87 10.54 13.92
N SER C 37 1.79 10.36 14.85
CA SER C 37 2.92 11.25 14.93
C SER C 37 3.98 10.75 15.89
N LYS C 38 5.12 11.42 15.90
CA LYS C 38 6.23 11.11 16.79
C LYS C 38 6.79 12.43 17.32
N PHE C 39 7.40 12.38 18.51
CA PHE C 39 7.96 13.57 19.13
C PHE C 39 9.02 13.19 20.16
N ASP C 40 9.94 14.11 20.43
CA ASP C 40 10.96 13.86 21.43
C ASP C 40 11.30 15.08 22.25
N THR C 41 10.37 16.02 22.31
CA THR C 41 10.59 17.22 23.11
C THR C 41 9.30 17.55 23.83
N VAL C 42 9.44 18.21 24.97
CA VAL C 42 8.32 18.62 25.78
C VAL C 42 7.36 19.47 24.95
N GLU C 43 7.90 20.45 24.24
CA GLU C 43 7.09 21.35 23.43
C GLU C 43 6.35 20.68 22.28
N ASP C 44 7.00 19.71 21.62
CA ASP C 44 6.32 19.03 20.51
C ASP C 44 5.16 18.19 21.02
N PHE C 45 5.31 17.63 22.23
CA PHE C 45 4.27 16.82 22.86
C PHE C 45 3.01 17.66 23.03
N TRP C 46 3.15 18.81 23.67
CA TRP C 46 2.01 19.68 23.91
C TRP C 46 1.40 20.19 22.61
N ALA C 47 2.25 20.51 21.64
CA ALA C 47 1.77 20.98 20.35
C ALA C 47 0.90 19.91 19.70
N LEU C 48 1.33 18.66 19.84
CA LEU C 48 0.58 17.53 19.29
C LEU C 48 -0.71 17.29 20.09
N TYR C 49 -0.56 17.17 21.41
CA TYR C 49 -1.70 16.91 22.29
C TYR C 49 -2.78 17.95 22.11
N ASN C 50 -2.38 19.21 21.95
CA ASN C 50 -3.33 20.28 21.78
C ASN C 50 -4.04 20.30 20.43
N HIS C 51 -3.47 19.61 19.44
CA HIS C 51 -4.07 19.59 18.11
C HIS C 51 -5.02 18.42 17.83
N ILE C 52 -4.79 17.29 18.47
CA ILE C 52 -5.62 16.11 18.23
C ILE C 52 -6.90 16.09 19.07
N GLN C 53 -7.80 15.19 18.71
CA GLN C 53 -9.07 15.06 19.41
C GLN C 53 -8.84 14.42 20.77
N LEU C 54 -9.54 14.93 21.78
CA LEU C 54 -9.45 14.40 23.15
C LEU C 54 -10.04 12.99 23.18
N SER C 55 -9.54 12.16 24.10
CA SER C 55 -10.00 10.78 24.21
C SER C 55 -11.50 10.68 24.38
N SER C 56 -12.05 11.54 25.22
CA SER C 56 -13.48 11.56 25.49
C SER C 56 -14.34 11.82 24.26
N ASN C 57 -13.77 12.49 23.26
CA ASN C 57 -14.50 12.81 22.04
C ASN C 57 -14.31 11.79 20.92
N LEU C 58 -13.64 10.67 21.21
CA LEU C 58 -13.43 9.65 20.20
C LEU C 58 -14.68 8.79 20.19
N MET C 59 -14.99 8.18 19.04
CA MET C 59 -16.17 7.33 18.99
C MET C 59 -15.85 5.94 19.52
N PRO C 60 -16.81 5.32 20.22
CA PRO C 60 -16.64 3.99 20.79
C PRO C 60 -15.98 3.05 19.79
N GLY C 61 -14.94 2.36 20.25
CA GLY C 61 -14.22 1.44 19.39
C GLY C 61 -12.81 1.90 19.10
N CYS C 62 -12.58 3.20 19.22
CA CYS C 62 -11.26 3.78 18.96
C CYS C 62 -10.34 3.83 20.16
N ASP C 63 -9.03 3.79 19.89
CA ASP C 63 -8.02 3.88 20.94
C ASP C 63 -6.91 4.82 20.51
N TYR C 64 -6.12 5.23 21.50
CA TYR C 64 -4.93 6.05 21.33
C TYR C 64 -3.87 5.19 22.03
N SER C 65 -2.67 5.19 21.49
CA SER C 65 -1.58 4.46 22.10
C SER C 65 -0.35 5.35 22.01
N LEU C 66 0.41 5.45 23.10
CA LEU C 66 1.63 6.24 23.07
C LEU C 66 2.71 5.27 23.54
N PHE C 67 3.56 4.90 22.60
CA PHE C 67 4.64 3.97 22.87
C PHE C 67 5.97 4.52 22.43
N LYS C 68 7.02 4.00 23.06
CA LYS C 68 8.37 4.41 22.75
C LYS C 68 8.64 4.07 21.30
N ASP C 69 9.35 4.96 20.61
CA ASP C 69 9.66 4.74 19.21
C ASP C 69 10.24 3.33 19.05
N GLY C 70 9.80 2.60 18.02
CA GLY C 70 10.30 1.27 17.80
C GLY C 70 9.45 0.15 18.41
N ILE C 71 8.48 0.49 19.24
CA ILE C 71 7.64 -0.54 19.85
C ILE C 71 6.22 -0.36 19.35
N GLU C 72 5.73 -1.35 18.59
CA GLU C 72 4.37 -1.27 18.09
C GLU C 72 3.45 -1.54 19.26
N PRO C 73 2.29 -0.86 19.29
CA PRO C 73 1.26 -0.96 20.33
C PRO C 73 0.45 -2.24 20.29
N MET C 74 1.13 -3.39 20.23
CA MET C 74 0.44 -4.66 20.17
C MET C 74 1.20 -5.71 20.94
N TRP C 75 0.47 -6.75 21.37
CA TRP C 75 1.06 -7.84 22.14
C TRP C 75 2.24 -8.49 21.44
N GLU C 76 2.08 -8.72 20.15
CA GLU C 76 3.08 -9.37 19.32
C GLU C 76 4.46 -8.73 19.38
N ASP C 77 4.54 -7.42 19.53
CA ASP C 77 5.85 -6.76 19.59
C ASP C 77 6.73 -7.53 20.58
N GLU C 78 8.02 -7.62 20.28
CA GLU C 78 8.96 -8.35 21.12
C GLU C 78 9.10 -7.73 22.50
N LYS C 79 8.83 -6.44 22.62
CA LYS C 79 8.94 -5.76 23.91
C LYS C 79 7.65 -5.84 24.72
N ASN C 80 6.61 -6.42 24.13
CA ASN C 80 5.33 -6.55 24.83
C ASN C 80 4.91 -7.99 25.10
N LYS C 81 5.33 -8.91 24.24
CA LYS C 81 4.94 -10.32 24.37
C LYS C 81 5.15 -10.92 25.75
N ARG C 82 6.22 -10.56 26.44
CA ARG C 82 6.48 -11.10 27.77
C ARG C 82 5.97 -10.16 28.88
N GLY C 83 5.25 -9.11 28.49
CA GLY C 83 4.77 -8.18 29.49
C GLY C 83 3.30 -8.20 29.85
N GLY C 84 2.85 -7.10 30.42
CA GLY C 84 1.47 -6.96 30.82
C GLY C 84 1.18 -5.48 30.96
N ARG C 85 0.07 -5.15 31.60
CA ARG C 85 -0.30 -3.75 31.79
C ARG C 85 -1.03 -3.49 33.11
N TRP C 86 -0.90 -2.28 33.63
CA TRP C 86 -1.61 -1.87 34.84
C TRP C 86 -2.90 -1.31 34.27
N LEU C 87 -4.02 -1.97 34.57
CA LEU C 87 -5.31 -1.56 34.02
C LEU C 87 -6.10 -0.60 34.89
N ILE C 88 -6.59 0.47 34.27
CA ILE C 88 -7.44 1.43 34.95
C ILE C 88 -8.77 1.29 34.22
N THR C 89 -9.82 0.98 34.97
CA THR C 89 -11.15 0.81 34.38
C THR C 89 -12.02 1.98 34.77
N LEU C 90 -12.72 2.56 33.78
CA LEU C 90 -13.59 3.70 34.00
C LEU C 90 -15.02 3.38 33.60
N ASN C 91 -15.98 3.72 34.44
CA ASN C 91 -17.38 3.46 34.10
C ASN C 91 -17.88 4.53 33.13
N LYS C 92 -19.03 4.29 32.50
CA LYS C 92 -19.58 5.23 31.53
C LYS C 92 -19.70 6.68 32.01
N GLN C 93 -19.86 6.86 33.32
CA GLN C 93 -19.97 8.20 33.87
C GLN C 93 -18.68 9.02 33.81
N GLN C 94 -17.56 8.37 34.11
CA GLN C 94 -16.24 9.00 34.12
C GLN C 94 -15.66 9.47 32.79
N ARG C 95 -16.27 9.13 31.67
CA ARG C 95 -15.72 9.56 30.39
C ARG C 95 -15.53 11.08 30.32
N ARG C 96 -16.55 11.83 30.71
CA ARG C 96 -16.49 13.28 30.65
C ARG C 96 -15.81 13.89 31.87
N SER C 97 -15.59 13.10 32.91
CA SER C 97 -14.97 13.62 34.12
C SER C 97 -13.52 13.20 34.36
N ASP C 98 -13.20 11.92 34.15
CA ASP C 98 -11.85 11.45 34.40
C ASP C 98 -11.03 10.92 33.23
N LEU C 99 -11.67 10.46 32.17
CA LEU C 99 -10.95 9.90 31.03
C LEU C 99 -9.79 10.76 30.55
N ASP C 100 -10.08 11.95 30.05
CA ASP C 100 -9.03 12.83 29.54
C ASP C 100 -8.01 13.17 30.61
N ARG C 101 -8.50 13.44 31.80
CA ARG C 101 -7.63 13.78 32.92
C ARG C 101 -6.69 12.62 33.25
N PHE C 102 -7.24 11.41 33.32
CA PHE C 102 -6.44 10.22 33.61
C PHE C 102 -5.49 9.89 32.48
N TRP C 103 -5.95 10.10 31.24
CA TRP C 103 -5.13 9.83 30.07
C TRP C 103 -3.93 10.78 30.02
N LEU C 104 -4.18 12.08 30.10
CA LEU C 104 -3.07 13.04 30.10
C LEU C 104 -2.13 12.74 31.25
N GLU C 105 -2.69 12.52 32.44
CA GLU C 105 -1.85 12.22 33.59
C GLU C 105 -0.93 11.06 33.24
N THR C 106 -1.48 10.09 32.51
CA THR C 106 -0.73 8.91 32.09
C THR C 106 0.37 9.28 31.10
N LEU C 107 0.04 10.19 30.18
CA LEU C 107 0.99 10.63 29.18
C LEU C 107 2.15 11.36 29.85
N LEU C 108 1.82 12.19 30.84
CA LEU C 108 2.86 12.91 31.57
C LEU C 108 3.80 11.97 32.30
N CYS C 109 3.27 10.86 32.83
CA CYS C 109 4.12 9.88 33.54
C CYS C 109 5.12 9.25 32.59
N LEU C 110 4.67 8.98 31.36
CA LEU C 110 5.55 8.36 30.37
C LEU C 110 6.67 9.29 29.87
N ILE C 111 6.31 10.44 29.32
CA ILE C 111 7.30 11.37 28.79
C ILE C 111 8.25 11.99 29.83
N GLY C 112 7.82 12.10 31.07
CA GLY C 112 8.70 12.66 32.09
C GLY C 112 9.51 11.59 32.82
N GLU C 113 9.34 10.32 32.42
CA GLU C 113 10.04 9.18 33.04
C GLU C 113 9.79 9.17 34.56
N SER C 114 8.52 9.23 34.95
CA SER C 114 8.13 9.26 36.35
C SER C 114 8.40 7.98 37.14
N PHE C 115 8.85 6.93 36.46
CA PHE C 115 9.09 5.66 37.16
C PHE C 115 10.55 5.41 37.49
N ASP C 116 11.33 6.49 37.42
CA ASP C 116 12.75 6.49 37.74
C ASP C 116 13.59 5.30 37.25
N ASP C 117 14.05 4.47 38.19
CA ASP C 117 14.88 3.32 37.84
C ASP C 117 14.19 2.29 36.99
N TYR C 118 12.86 2.32 36.95
CA TYR C 118 12.14 1.33 36.17
C TYR C 118 11.50 1.85 34.91
N SER C 119 11.72 3.13 34.61
CA SER C 119 11.15 3.72 33.39
C SER C 119 11.51 2.93 32.14
N ASP C 120 12.58 2.14 32.21
CA ASP C 120 12.98 1.36 31.06
C ASP C 120 12.08 0.15 30.86
N ASP C 121 11.29 -0.18 31.89
CA ASP C 121 10.37 -1.30 31.78
C ASP C 121 9.10 -0.88 31.05
N VAL C 122 8.81 0.43 31.09
CA VAL C 122 7.63 0.99 30.43
C VAL C 122 7.72 0.95 28.89
N CYS C 123 6.72 0.34 28.25
CA CYS C 123 6.67 0.26 26.80
C CYS C 123 5.81 1.40 26.27
N GLY C 124 4.61 1.55 26.85
CA GLY C 124 3.72 2.62 26.43
C GLY C 124 2.43 2.63 27.22
N ALA C 125 1.43 3.35 26.72
CA ALA C 125 0.14 3.39 27.38
C ALA C 125 -0.95 3.31 26.31
N VAL C 126 -2.13 2.85 26.71
CA VAL C 126 -3.22 2.71 25.78
C VAL C 126 -4.55 3.13 26.38
N VAL C 127 -5.30 3.96 25.65
CA VAL C 127 -6.62 4.32 26.12
C VAL C 127 -7.62 3.73 25.12
N ASN C 128 -8.57 2.95 25.65
CA ASN C 128 -9.62 2.34 24.84
C ASN C 128 -10.92 3.07 25.17
N VAL C 129 -11.61 3.55 24.15
CA VAL C 129 -12.89 4.20 24.36
C VAL C 129 -13.90 3.15 23.95
N ARG C 130 -14.70 2.69 24.91
CA ARG C 130 -15.68 1.65 24.65
C ARG C 130 -17.01 1.98 25.31
N ALA C 131 -18.10 1.51 24.71
CA ALA C 131 -19.45 1.76 25.23
C ALA C 131 -19.61 1.10 26.60
N LYS C 132 -19.01 -0.08 26.76
CA LYS C 132 -19.08 -0.82 28.00
C LYS C 132 -18.08 -0.34 29.05
N GLY C 133 -17.69 0.92 28.95
CA GLY C 133 -16.72 1.45 29.91
C GLY C 133 -15.33 1.60 29.33
N ASP C 134 -14.73 2.76 29.55
CA ASP C 134 -13.41 3.04 29.02
C ASP C 134 -12.30 2.37 29.83
N LYS C 135 -11.11 2.32 29.25
CA LYS C 135 -9.95 1.72 29.89
C LYS C 135 -8.67 2.49 29.54
N ILE C 136 -7.80 2.60 30.53
CA ILE C 136 -6.52 3.24 30.32
C ILE C 136 -5.55 2.24 30.92
N ALA C 137 -4.37 2.12 30.34
CA ALA C 137 -3.40 1.17 30.86
C ALA C 137 -1.97 1.53 30.49
N ILE C 138 -1.03 1.11 31.34
CA ILE C 138 0.37 1.33 31.08
C ILE C 138 0.95 -0.06 30.81
N TRP C 139 1.60 -0.21 29.67
CA TRP C 139 2.20 -1.50 29.28
C TRP C 139 3.67 -1.56 29.68
N THR C 140 4.10 -2.71 30.19
CA THR C 140 5.50 -2.90 30.58
C THR C 140 6.04 -4.16 29.90
N THR C 141 7.35 -4.22 29.68
CA THR C 141 7.98 -5.34 28.99
C THR C 141 7.99 -6.72 29.64
N GLU C 142 8.27 -6.78 30.93
CA GLU C 142 8.37 -8.08 31.60
C GLU C 142 7.44 -8.25 32.80
N CYS C 143 6.45 -9.13 32.67
CA CYS C 143 5.50 -9.37 33.74
C CYS C 143 6.12 -10.28 34.79
N GLU C 144 7.43 -10.40 34.75
CA GLU C 144 8.12 -11.25 35.71
C GLU C 144 8.96 -10.38 36.61
N ASN C 145 9.24 -9.15 36.17
CA ASN C 145 10.03 -8.22 36.97
C ASN C 145 9.18 -7.62 38.09
N ARG C 146 8.98 -8.44 39.14
CA ARG C 146 8.20 -8.08 40.32
C ARG C 146 8.41 -6.62 40.75
N ASP C 147 9.65 -6.30 41.14
CA ASP C 147 10.00 -4.96 41.60
C ASP C 147 9.59 -3.88 40.61
N ALA C 148 9.96 -4.09 39.35
CA ALA C 148 9.65 -3.13 38.30
C ALA C 148 8.15 -2.91 38.15
N VAL C 149 7.40 -3.99 38.04
CA VAL C 149 5.95 -3.89 37.87
C VAL C 149 5.27 -3.23 39.09
N THR C 150 5.61 -3.69 40.29
CA THR C 150 5.03 -3.14 41.53
C THR C 150 5.33 -1.65 41.63
N HIS C 151 6.60 -1.30 41.49
CA HIS C 151 7.00 0.10 41.60
C HIS C 151 6.22 0.99 40.65
N ILE C 152 6.12 0.56 39.39
CA ILE C 152 5.41 1.30 38.34
C ILE C 152 3.94 1.46 38.71
N GLY C 153 3.33 0.38 39.18
CA GLY C 153 1.93 0.44 39.59
C GLY C 153 1.69 1.40 40.75
N ARG C 154 2.52 1.29 41.80
CA ARG C 154 2.37 2.17 42.95
C ARG C 154 2.46 3.63 42.57
N VAL C 155 3.52 3.99 41.85
CA VAL C 155 3.70 5.38 41.43
C VAL C 155 2.53 5.85 40.57
N TYR C 156 2.06 4.96 39.69
CA TYR C 156 0.96 5.27 38.79
C TYR C 156 -0.36 5.49 39.54
N LYS C 157 -0.61 4.67 40.54
CA LYS C 157 -1.84 4.81 41.34
C LYS C 157 -1.78 6.19 41.99
N GLU C 158 -0.63 6.52 42.54
CA GLU C 158 -0.41 7.80 43.20
C GLU C 158 -0.60 8.98 42.25
N ARG C 159 0.05 8.94 41.09
CA ARG C 159 -0.08 10.05 40.13
C ARG C 159 -1.54 10.24 39.73
N LEU C 160 -2.30 9.16 39.72
CA LEU C 160 -3.71 9.25 39.35
C LEU C 160 -4.59 9.69 40.53
N GLY C 161 -3.99 9.70 41.72
CA GLY C 161 -4.74 10.11 42.90
C GLY C 161 -5.71 9.07 43.42
N LEU C 162 -5.62 7.83 42.95
CA LEU C 162 -6.52 6.78 43.41
C LEU C 162 -6.26 6.51 44.90
N PRO C 163 -7.32 6.50 45.71
CA PRO C 163 -7.12 6.26 47.15
C PRO C 163 -6.82 4.80 47.51
N PRO C 164 -6.31 4.56 48.72
CA PRO C 164 -5.96 3.22 49.23
C PRO C 164 -7.08 2.19 49.18
N LYS C 165 -8.34 2.64 49.21
CA LYS C 165 -9.46 1.71 49.16
C LYS C 165 -9.69 1.11 47.77
N ILE C 166 -9.17 1.76 46.74
CA ILE C 166 -9.35 1.21 45.40
C ILE C 166 -8.08 0.44 45.06
N VAL C 167 -8.21 -0.59 44.23
CA VAL C 167 -7.03 -1.36 43.85
C VAL C 167 -7.03 -1.57 42.34
N ILE C 168 -5.85 -1.49 41.74
CA ILE C 168 -5.73 -1.71 40.31
C ILE C 168 -4.91 -2.96 40.07
N GLY C 169 -5.28 -3.71 39.05
CA GLY C 169 -4.55 -4.93 38.76
C GLY C 169 -3.69 -4.88 37.53
N TYR C 170 -2.65 -5.70 37.56
CA TYR C 170 -1.71 -5.82 36.45
C TYR C 170 -1.97 -7.19 35.81
N GLN C 171 -2.22 -7.20 34.49
CA GLN C 171 -2.47 -8.46 33.78
C GLN C 171 -1.41 -8.64 32.70
N SER C 172 -0.83 -9.84 32.63
CA SER C 172 0.17 -10.13 31.61
C SER C 172 -0.58 -10.20 30.29
N HIS C 173 0.04 -9.77 29.20
CA HIS C 173 -0.62 -9.79 27.91
C HIS C 173 -1.00 -11.21 27.50
N ALA C 174 -0.15 -12.16 27.84
CA ALA C 174 -0.39 -13.56 27.53
C ALA C 174 -1.74 -14.01 28.09
N ASP C 175 -2.08 -13.55 29.29
CA ASP C 175 -3.35 -13.93 29.88
C ASP C 175 -4.51 -13.22 29.20
N THR C 176 -4.32 -11.95 28.89
CA THR C 176 -5.37 -11.14 28.24
C THR C 176 -5.71 -11.72 26.86
N ALA C 177 -4.70 -12.29 26.20
CA ALA C 177 -4.88 -12.85 24.87
C ALA C 177 -5.68 -14.16 24.88
N THR C 178 -5.19 -15.16 25.62
CA THR C 178 -5.88 -16.45 25.69
C THR C 178 -7.17 -16.33 26.48
N LYS C 185 -7.55 -12.39 35.42
CA LYS C 185 -6.69 -12.68 36.61
C LYS C 185 -5.47 -11.74 36.66
N ASN C 186 -5.26 -11.12 37.82
CA ASN C 186 -4.15 -10.20 38.01
C ASN C 186 -2.88 -10.87 38.53
N ARG C 187 -1.73 -10.51 37.97
CA ARG C 187 -0.47 -11.07 38.43
C ARG C 187 -0.07 -10.29 39.67
N PHE C 188 -0.55 -9.04 39.76
CA PHE C 188 -0.28 -8.16 40.89
C PHE C 188 -1.41 -7.18 41.10
N VAL C 189 -1.42 -6.55 42.27
CA VAL C 189 -2.44 -5.55 42.62
C VAL C 189 -1.78 -4.45 43.46
N VAL C 190 -2.20 -3.22 43.25
CA VAL C 190 -1.63 -2.12 43.98
C VAL C 190 -2.70 -1.12 44.44
N ILE D 8 37.84 19.94 -8.23
CA ILE D 8 36.87 18.81 -8.28
C ILE D 8 35.48 19.20 -7.79
N LYS D 9 34.46 18.81 -8.56
CA LYS D 9 33.09 19.09 -8.17
C LYS D 9 32.64 18.09 -7.11
N HIS D 10 31.87 18.57 -6.13
CA HIS D 10 31.38 17.71 -5.05
C HIS D 10 30.06 17.04 -5.43
N PRO D 11 30.12 15.75 -5.79
CA PRO D 11 28.97 14.94 -6.20
C PRO D 11 27.86 14.83 -5.15
N LEU D 12 26.63 15.02 -5.58
CA LEU D 12 25.48 14.93 -4.70
C LEU D 12 25.01 13.48 -4.70
N GLN D 13 24.15 13.14 -3.76
CA GLN D 13 23.63 11.77 -3.69
C GLN D 13 22.68 11.53 -4.86
N ASN D 14 22.05 12.60 -5.33
CA ASN D 14 21.11 12.49 -6.45
C ASN D 14 21.22 13.64 -7.45
N ARG D 15 20.77 13.37 -8.66
CA ARG D 15 20.76 14.37 -9.71
C ARG D 15 19.39 15.01 -9.52
N TRP D 16 19.34 16.33 -9.47
CA TRP D 16 18.06 17.01 -9.29
C TRP D 16 17.68 17.81 -10.53
N ALA D 17 16.42 18.21 -10.58
CA ALA D 17 15.94 18.99 -11.70
C ALA D 17 15.06 20.10 -11.18
N LEU D 18 15.36 21.32 -11.63
CA LEU D 18 14.60 22.47 -11.21
C LEU D 18 13.54 22.75 -12.29
N TRP D 19 12.29 22.84 -11.86
CA TRP D 19 11.17 23.10 -12.75
C TRP D 19 10.56 24.45 -12.43
N PHE D 20 10.05 25.12 -13.46
CA PHE D 20 9.41 26.41 -13.25
C PHE D 20 7.99 26.35 -13.79
N PHE D 21 7.08 27.01 -13.09
CA PHE D 21 5.71 27.05 -13.51
C PHE D 21 5.31 28.51 -13.72
N LYS D 22 4.84 28.82 -14.93
CA LYS D 22 4.39 30.16 -15.27
C LYS D 22 2.87 30.11 -15.16
N ASN D 23 2.25 31.20 -14.77
CA ASN D 23 0.80 31.21 -14.60
C ASN D 23 0.01 31.65 -15.84
N ASP D 24 0.36 31.11 -17.01
CA ASP D 24 -0.35 31.44 -18.24
C ASP D 24 -1.67 30.68 -18.28
N LYS D 25 -2.78 31.42 -18.18
CA LYS D 25 -4.11 30.81 -18.16
C LYS D 25 -4.56 30.27 -19.51
N SER D 26 -3.80 30.57 -20.56
CA SER D 26 -4.14 30.11 -21.90
C SER D 26 -3.45 28.81 -22.29
N LYS D 27 -2.90 28.11 -21.30
CA LYS D 27 -2.20 26.85 -21.56
C LYS D 27 -2.45 25.87 -20.41
N THR D 28 -2.74 24.61 -20.74
CA THR D 28 -3.00 23.59 -19.73
C THR D 28 -1.93 23.59 -18.64
N TRP D 29 -2.32 23.13 -17.46
CA TRP D 29 -1.41 23.08 -16.31
C TRP D 29 -0.07 22.49 -16.73
N GLN D 30 -0.08 21.21 -17.06
CA GLN D 30 1.13 20.51 -17.45
C GLN D 30 1.88 21.18 -18.60
N ALA D 31 1.24 22.11 -19.28
CA ALA D 31 1.86 22.80 -20.41
C ALA D 31 2.68 24.00 -19.93
N ASN D 32 2.26 24.59 -18.82
CA ASN D 32 2.96 25.74 -18.23
C ASN D 32 4.21 25.30 -17.48
N LEU D 33 4.28 24.01 -17.22
CA LEU D 33 5.40 23.42 -16.48
C LEU D 33 6.61 23.28 -17.40
N ARG D 34 7.73 23.87 -17.00
CA ARG D 34 8.94 23.81 -17.80
C ARG D 34 10.13 23.41 -16.94
N LEU D 35 10.98 22.55 -17.47
CA LEU D 35 12.18 22.11 -16.77
C LEU D 35 13.29 23.09 -17.10
N ILE D 36 13.84 23.73 -16.07
CA ILE D 36 14.90 24.70 -16.25
C ILE D 36 16.29 24.08 -16.39
N SER D 37 16.65 23.18 -15.48
CA SER D 37 17.97 22.57 -15.56
C SER D 37 18.20 21.44 -14.56
N LYS D 38 19.14 20.57 -14.90
CA LYS D 38 19.48 19.44 -14.04
C LYS D 38 20.93 19.58 -13.59
N PHE D 39 21.19 19.14 -12.36
CA PHE D 39 22.54 19.21 -11.79
C PHE D 39 22.74 18.04 -10.82
N ASP D 40 24.00 17.67 -10.61
CA ASP D 40 24.31 16.56 -9.72
C ASP D 40 25.50 16.85 -8.82
N THR D 41 25.92 18.11 -8.77
CA THR D 41 27.04 18.49 -7.93
C THR D 41 26.68 19.73 -7.15
N VAL D 42 27.39 19.97 -6.05
CA VAL D 42 27.12 21.13 -5.22
C VAL D 42 27.39 22.39 -6.05
N GLU D 43 28.55 22.38 -6.71
CA GLU D 43 28.96 23.51 -7.55
C GLU D 43 27.92 23.91 -8.60
N ASP D 44 27.32 22.94 -9.27
CA ASP D 44 26.33 23.24 -10.30
C ASP D 44 25.01 23.71 -9.74
N PHE D 45 24.68 23.28 -8.53
CA PHE D 45 23.43 23.72 -7.89
C PHE D 45 23.51 25.21 -7.69
N TRP D 46 24.59 25.64 -7.03
CA TRP D 46 24.80 27.06 -6.78
C TRP D 46 24.93 27.85 -8.07
N ALA D 47 25.50 27.23 -9.09
CA ALA D 47 25.64 27.90 -10.39
C ALA D 47 24.22 28.22 -10.87
N LEU D 48 23.33 27.23 -10.80
CA LEU D 48 21.95 27.38 -11.22
C LEU D 48 21.21 28.39 -10.36
N TYR D 49 21.30 28.21 -9.03
CA TYR D 49 20.62 29.08 -8.08
C TYR D 49 20.97 30.57 -8.23
N ASN D 50 22.26 30.89 -8.27
CA ASN D 50 22.68 32.29 -8.40
C ASN D 50 22.29 32.93 -9.73
N HIS D 51 21.96 32.11 -10.72
CA HIS D 51 21.61 32.63 -12.03
C HIS D 51 20.15 32.60 -12.42
N ILE D 52 19.26 32.44 -11.44
CA ILE D 52 17.83 32.41 -11.73
C ILE D 52 17.08 33.30 -10.76
N GLN D 53 15.90 33.74 -11.17
CA GLN D 53 15.07 34.58 -10.34
C GLN D 53 14.85 33.99 -8.95
N LEU D 54 14.93 34.83 -7.92
CA LEU D 54 14.67 34.39 -6.55
C LEU D 54 13.16 34.22 -6.47
N SER D 55 12.70 33.31 -5.61
CA SER D 55 11.26 33.08 -5.47
C SER D 55 10.51 34.33 -5.04
N SER D 56 11.16 35.20 -4.27
CA SER D 56 10.50 36.42 -3.82
C SER D 56 10.25 37.35 -5.00
N ASN D 57 11.07 37.25 -6.04
CA ASN D 57 10.94 38.09 -7.22
C ASN D 57 10.09 37.49 -8.35
N LEU D 58 9.37 36.42 -8.05
CA LEU D 58 8.51 35.81 -9.06
C LEU D 58 7.16 36.50 -8.98
N MET D 59 6.35 36.36 -10.02
CA MET D 59 5.02 36.96 -10.04
C MET D 59 4.03 35.93 -9.50
N PRO D 60 3.01 36.39 -8.75
CA PRO D 60 1.99 35.53 -8.16
C PRO D 60 1.44 34.47 -9.11
N GLY D 61 1.39 33.22 -8.65
CA GLY D 61 0.88 32.15 -9.49
C GLY D 61 1.96 31.24 -10.03
N CYS D 62 3.21 31.63 -9.88
CA CYS D 62 4.32 30.83 -10.37
C CYS D 62 4.82 29.87 -9.30
N ASP D 63 5.45 28.78 -9.75
CA ASP D 63 5.99 27.79 -8.84
C ASP D 63 7.40 27.40 -9.24
N TYR D 64 8.18 26.98 -8.24
CA TYR D 64 9.53 26.50 -8.44
C TYR D 64 9.48 25.11 -7.84
N SER D 65 10.04 24.12 -8.53
CA SER D 65 10.06 22.76 -8.02
C SER D 65 11.41 22.10 -8.22
N LEU D 66 11.88 21.43 -7.17
CA LEU D 66 13.13 20.70 -7.22
C LEU D 66 12.79 19.26 -6.88
N PHE D 67 12.81 18.41 -7.90
CA PHE D 67 12.51 17.00 -7.73
C PHE D 67 13.66 16.18 -8.25
N LYS D 68 13.75 14.95 -7.75
CA LYS D 68 14.79 14.03 -8.16
C LYS D 68 14.69 13.74 -9.67
N ASP D 69 15.84 13.63 -10.31
CA ASP D 69 15.91 13.35 -11.74
C ASP D 69 15.00 12.17 -12.05
N GLY D 70 14.03 12.36 -12.95
CA GLY D 70 13.13 11.28 -13.29
C GLY D 70 11.73 11.41 -12.71
N ILE D 71 11.54 12.35 -11.80
CA ILE D 71 10.22 12.55 -11.20
C ILE D 71 9.67 13.91 -11.58
N GLU D 72 8.53 13.93 -12.26
CA GLU D 72 7.91 15.19 -12.65
C GLU D 72 7.13 15.72 -11.45
N PRO D 73 7.15 17.04 -11.24
CA PRO D 73 6.45 17.69 -10.12
C PRO D 73 4.93 17.66 -10.18
N MET D 74 4.35 16.46 -10.20
CA MET D 74 2.91 16.28 -10.25
C MET D 74 2.46 14.99 -9.56
N TRP D 75 1.24 15.01 -9.00
CA TRP D 75 0.66 13.86 -8.30
C TRP D 75 0.73 12.58 -9.12
N GLU D 76 0.34 12.70 -10.38
CA GLU D 76 0.29 11.57 -11.32
C GLU D 76 1.57 10.77 -11.50
N ASP D 77 2.73 11.37 -11.24
CA ASP D 77 3.99 10.65 -11.39
C ASP D 77 3.98 9.38 -10.53
N GLU D 78 4.51 8.31 -11.07
CA GLU D 78 4.55 7.03 -10.37
C GLU D 78 5.20 7.16 -8.98
N LYS D 79 6.18 8.05 -8.86
CA LYS D 79 6.88 8.23 -7.59
C LYS D 79 6.17 9.17 -6.63
N ASN D 80 5.06 9.76 -7.07
CA ASN D 80 4.30 10.69 -6.23
C ASN D 80 2.86 10.24 -5.96
N LYS D 81 2.28 9.50 -6.90
CA LYS D 81 0.89 9.06 -6.79
C LYS D 81 0.52 8.38 -5.48
N ARG D 82 1.45 7.62 -4.90
CA ARG D 82 1.17 6.93 -3.65
C ARG D 82 1.69 7.71 -2.43
N GLY D 83 2.31 8.85 -2.69
CA GLY D 83 2.86 9.66 -1.61
C GLY D 83 2.04 10.88 -1.22
N GLY D 84 2.70 11.82 -0.56
CA GLY D 84 2.04 13.03 -0.12
C GLY D 84 3.00 14.18 0.13
N ARG D 85 2.51 15.20 0.83
CA ARG D 85 3.31 16.39 1.08
C ARG D 85 3.20 16.96 2.50
N TRP D 86 4.31 17.52 2.99
CA TRP D 86 4.33 18.20 4.29
C TRP D 86 4.13 19.64 3.84
N LEU D 87 2.99 20.22 4.18
CA LEU D 87 2.70 21.57 3.73
C LEU D 87 2.92 22.68 4.75
N ILE D 88 3.69 23.68 4.34
CA ILE D 88 4.01 24.83 5.18
C ILE D 88 3.41 26.07 4.52
N THR D 89 2.50 26.76 5.21
CA THR D 89 1.91 27.97 4.65
C THR D 89 2.48 29.16 5.43
N LEU D 90 2.99 30.14 4.68
CA LEU D 90 3.59 31.33 5.29
C LEU D 90 2.66 32.53 5.22
N ASN D 91 3.12 33.65 5.79
CA ASN D 91 2.35 34.89 5.78
C ASN D 91 3.21 36.01 5.19
N SER D 97 10.81 39.95 3.46
CA SER D 97 10.75 38.86 2.44
C SER D 97 11.70 37.71 2.76
N ASP D 98 11.22 36.80 3.60
CA ASP D 98 12.00 35.64 4.04
C ASP D 98 11.72 34.38 3.21
N LEU D 99 10.76 34.47 2.29
CA LEU D 99 10.40 33.34 1.44
C LEU D 99 11.63 32.62 0.88
N ASP D 100 12.58 33.39 0.36
CA ASP D 100 13.79 32.80 -0.21
C ASP D 100 14.59 32.02 0.83
N ARG D 101 14.64 32.52 2.07
CA ARG D 101 15.37 31.82 3.11
C ARG D 101 14.73 30.45 3.32
N PHE D 102 13.41 30.44 3.50
CA PHE D 102 12.70 29.18 3.68
C PHE D 102 12.87 28.25 2.48
N TRP D 103 12.84 28.81 1.28
CA TRP D 103 12.99 28.00 0.08
C TRP D 103 14.41 27.46 -0.03
N LEU D 104 15.39 28.32 0.19
CA LEU D 104 16.78 27.89 0.12
C LEU D 104 17.02 26.77 1.13
N GLU D 105 16.52 26.94 2.35
CA GLU D 105 16.69 25.92 3.38
C GLU D 105 16.11 24.59 2.90
N THR D 106 14.97 24.64 2.24
CA THR D 106 14.33 23.43 1.74
C THR D 106 15.23 22.79 0.68
N LEU D 107 15.87 23.62 -0.14
CA LEU D 107 16.76 23.11 -1.19
C LEU D 107 17.99 22.44 -0.60
N LEU D 108 18.54 23.02 0.46
CA LEU D 108 19.73 22.47 1.10
C LEU D 108 19.42 21.12 1.75
N CYS D 109 18.21 21.00 2.30
CA CYS D 109 17.78 19.75 2.92
C CYS D 109 17.74 18.63 1.88
N LEU D 110 17.22 18.95 0.70
CA LEU D 110 17.09 17.97 -0.37
C LEU D 110 18.41 17.48 -0.96
N ILE D 111 19.19 18.40 -1.49
CA ILE D 111 20.47 18.05 -2.11
C ILE D 111 21.47 17.57 -1.08
N GLY D 112 21.25 17.93 0.17
CA GLY D 112 22.14 17.51 1.25
C GLY D 112 21.70 16.19 1.87
N GLU D 113 20.48 15.75 1.55
CA GLU D 113 19.94 14.50 2.07
C GLU D 113 19.85 14.59 3.59
N SER D 114 19.47 15.77 4.07
CA SER D 114 19.36 16.03 5.49
C SER D 114 18.36 15.15 6.23
N PHE D 115 17.71 14.23 5.52
CA PHE D 115 16.72 13.37 6.18
C PHE D 115 17.22 11.97 6.50
N ASP D 116 18.52 11.87 6.74
CA ASP D 116 19.16 10.61 7.09
C ASP D 116 18.57 9.38 6.40
N ASP D 117 18.38 8.32 7.19
CA ASP D 117 17.84 7.05 6.73
C ASP D 117 16.59 7.11 5.87
N TYR D 118 15.96 8.27 5.77
CA TYR D 118 14.75 8.39 4.98
C TYR D 118 14.77 9.39 3.83
N SER D 119 15.95 9.66 3.29
CA SER D 119 16.08 10.59 2.18
C SER D 119 15.51 9.99 0.90
N ASP D 120 15.66 8.68 0.76
CA ASP D 120 15.17 7.98 -0.42
C ASP D 120 13.66 8.14 -0.60
N ASP D 121 12.95 8.45 0.48
CA ASP D 121 11.50 8.63 0.39
C ASP D 121 11.13 10.00 -0.15
N VAL D 122 12.06 10.95 -0.05
CA VAL D 122 11.83 12.30 -0.55
C VAL D 122 11.78 12.28 -2.08
N CYS D 123 10.80 12.98 -2.65
CA CYS D 123 10.68 13.05 -4.10
C CYS D 123 11.18 14.40 -4.57
N GLY D 124 10.85 15.44 -3.81
CA GLY D 124 11.26 16.79 -4.13
C GLY D 124 10.47 17.78 -3.31
N ALA D 125 10.58 19.06 -3.66
CA ALA D 125 9.87 20.11 -2.95
C ALA D 125 9.26 21.11 -3.92
N VAL D 126 8.24 21.82 -3.45
CA VAL D 126 7.54 22.80 -4.25
C VAL D 126 7.25 24.07 -3.45
N VAL D 127 7.45 25.21 -4.10
CA VAL D 127 7.15 26.51 -3.49
C VAL D 127 6.11 27.17 -4.40
N ASN D 128 5.02 27.63 -3.80
CA ASN D 128 3.96 28.30 -4.55
C ASN D 128 3.94 29.78 -4.17
N VAL D 129 4.29 30.64 -5.11
CA VAL D 129 4.25 32.07 -4.87
C VAL D 129 2.79 32.45 -5.15
N ARG D 130 2.06 32.87 -4.13
CA ARG D 130 0.65 33.22 -4.29
C ARG D 130 0.27 34.43 -3.45
N ALA D 131 -0.48 35.35 -4.06
CA ALA D 131 -0.93 36.58 -3.42
C ALA D 131 -1.65 36.35 -2.08
N LYS D 132 -2.37 35.26 -1.98
CA LYS D 132 -3.11 34.93 -0.77
C LYS D 132 -2.19 34.39 0.34
N GLY D 133 -1.07 33.78 -0.07
CA GLY D 133 -0.13 33.21 0.88
C GLY D 133 0.71 32.11 0.24
N ASP D 134 2.03 32.31 0.23
CA ASP D 134 2.94 31.33 -0.37
C ASP D 134 2.98 30.04 0.43
N LYS D 135 3.30 28.95 -0.28
CA LYS D 135 3.38 27.64 0.33
C LYS D 135 4.66 26.93 -0.09
N ILE D 136 5.19 26.11 0.81
CA ILE D 136 6.38 25.33 0.53
C ILE D 136 6.13 23.96 1.10
N ALA D 137 6.29 22.94 0.26
CA ALA D 137 6.05 21.58 0.68
C ALA D 137 7.18 20.65 0.26
N ILE D 138 7.31 19.56 0.99
CA ILE D 138 8.27 18.53 0.66
C ILE D 138 7.42 17.31 0.34
N TRP D 139 7.52 16.86 -0.90
CA TRP D 139 6.78 15.71 -1.43
C TRP D 139 7.54 14.40 -1.16
N THR D 140 6.83 13.40 -0.62
CA THR D 140 7.44 12.09 -0.32
C THR D 140 6.74 10.96 -1.10
N THR D 141 7.49 9.90 -1.39
CA THR D 141 7.01 8.78 -2.21
C THR D 141 5.80 7.96 -1.75
N GLU D 142 5.84 7.47 -0.52
CA GLU D 142 4.75 6.65 0.01
C GLU D 142 4.22 7.22 1.31
N CYS D 143 2.96 7.61 1.32
CA CYS D 143 2.39 8.15 2.54
C CYS D 143 2.14 7.01 3.53
N GLU D 144 2.50 5.78 3.12
CA GLU D 144 2.31 4.60 3.96
C GLU D 144 3.59 4.25 4.71
N ASN D 145 4.71 4.86 4.35
CA ASN D 145 5.96 4.63 5.05
C ASN D 145 5.97 5.59 6.26
N ARG D 146 5.10 5.30 7.21
CA ARG D 146 4.92 6.09 8.43
C ARG D 146 6.21 6.57 9.11
N ASP D 147 7.20 5.69 9.25
CA ASP D 147 8.46 6.08 9.90
C ASP D 147 9.20 7.15 9.09
N ALA D 148 9.22 6.98 7.77
CA ALA D 148 9.90 7.93 6.89
C ALA D 148 9.18 9.28 6.85
N VAL D 149 7.86 9.25 6.69
CA VAL D 149 7.09 10.49 6.64
C VAL D 149 7.21 11.28 7.95
N THR D 150 7.12 10.56 9.07
CA THR D 150 7.24 11.17 10.39
C THR D 150 8.59 11.87 10.56
N HIS D 151 9.65 11.11 10.29
CA HIS D 151 11.00 11.61 10.43
C HIS D 151 11.17 12.87 9.58
N ILE D 152 10.88 12.74 8.29
CA ILE D 152 11.00 13.85 7.36
C ILE D 152 10.32 15.11 7.89
N GLY D 153 9.08 14.98 8.34
CA GLY D 153 8.38 16.14 8.88
C GLY D 153 9.13 16.79 10.02
N ARG D 154 9.55 15.98 10.99
CA ARG D 154 10.29 16.49 12.14
C ARG D 154 11.52 17.30 11.78
N VAL D 155 12.43 16.67 11.04
CA VAL D 155 13.68 17.29 10.60
C VAL D 155 13.41 18.59 9.85
N TYR D 156 12.44 18.53 8.94
CA TYR D 156 12.07 19.68 8.14
C TYR D 156 11.58 20.82 9.03
N LYS D 157 10.65 20.51 9.91
CA LYS D 157 10.11 21.51 10.83
C LYS D 157 11.26 22.13 11.62
N GLU D 158 12.22 21.30 11.99
CA GLU D 158 13.38 21.73 12.76
C GLU D 158 14.35 22.58 11.93
N ARG D 159 14.60 22.17 10.69
CA ARG D 159 15.51 22.89 9.81
C ARG D 159 14.95 24.25 9.39
N LEU D 160 13.62 24.36 9.35
CA LEU D 160 12.97 25.61 8.96
C LEU D 160 12.79 26.52 10.17
N GLY D 161 13.14 26.02 11.34
CA GLY D 161 13.00 26.79 12.56
C GLY D 161 11.57 27.27 12.82
N LEU D 162 10.58 26.41 12.61
CA LEU D 162 9.19 26.78 12.84
C LEU D 162 8.87 26.74 14.34
N PRO D 163 7.96 27.63 14.80
CA PRO D 163 7.56 27.69 16.22
C PRO D 163 7.10 26.33 16.71
N PRO D 164 7.41 26.00 17.97
CA PRO D 164 7.04 24.72 18.57
C PRO D 164 5.54 24.41 18.67
N LYS D 165 4.69 25.43 18.55
CA LYS D 165 3.26 25.19 18.68
C LYS D 165 2.39 25.37 17.43
N ILE D 166 2.98 25.40 16.24
CA ILE D 166 2.17 25.59 15.04
C ILE D 166 1.65 24.33 14.36
N VAL D 167 2.35 23.21 14.54
CA VAL D 167 1.90 21.95 13.94
C VAL D 167 1.68 22.01 12.43
N ILE D 168 2.50 21.28 11.67
CA ILE D 168 2.36 21.23 10.22
C ILE D 168 1.80 19.85 9.87
N GLY D 169 1.04 19.79 8.77
CA GLY D 169 0.44 18.53 8.37
C GLY D 169 0.95 17.89 7.09
N TYR D 170 0.67 16.60 6.97
CA TYR D 170 1.07 15.81 5.82
C TYR D 170 -0.21 15.31 5.14
N GLN D 171 -0.41 15.70 3.89
CA GLN D 171 -1.58 15.28 3.14
C GLN D 171 -1.12 14.34 2.02
N SER D 172 -1.91 13.33 1.72
CA SER D 172 -1.54 12.42 0.64
C SER D 172 -2.16 13.04 -0.60
N HIS D 173 -1.44 12.97 -1.72
CA HIS D 173 -1.92 13.52 -2.98
C HIS D 173 -3.25 12.87 -3.41
N ALA D 174 -3.41 11.60 -3.04
CA ALA D 174 -4.60 10.86 -3.37
C ALA D 174 -5.85 11.56 -2.80
N ASP D 175 -5.69 12.14 -1.60
CA ASP D 175 -6.76 12.90 -0.95
C ASP D 175 -6.98 14.26 -1.67
N THR D 176 -5.88 14.96 -2.06
CA THR D 176 -5.94 16.25 -2.71
C THR D 176 -6.32 16.20 -4.19
N ASN D 186 -5.35 15.54 7.09
CA ASN D 186 -3.89 15.26 7.33
C ASN D 186 -3.67 13.84 7.85
N ARG D 187 -2.83 13.08 7.15
CA ARG D 187 -2.51 11.72 7.55
C ARG D 187 -1.61 11.73 8.78
N PHE D 188 -0.67 12.68 8.80
CA PHE D 188 0.27 12.84 9.90
C PHE D 188 0.37 14.30 10.27
N VAL D 189 0.87 14.57 11.47
CA VAL D 189 1.05 15.93 11.95
C VAL D 189 2.32 15.95 12.79
N VAL D 190 3.00 17.09 12.81
CA VAL D 190 4.23 17.22 13.58
C VAL D 190 4.35 18.63 14.13
N LYS E 1 -22.83 -29.32 20.62
CA LYS E 1 -23.58 -29.38 19.34
C LYS E 1 -22.75 -29.83 18.15
N GLN E 2 -22.89 -31.11 17.80
CA GLN E 2 -22.18 -31.69 16.67
C GLN E 2 -23.20 -31.90 15.57
N TYR E 3 -22.70 -32.11 14.35
CA TYR E 3 -23.56 -32.35 13.21
C TYR E 3 -22.90 -33.27 12.23
N ASP E 4 -23.66 -34.25 11.78
CA ASP E 4 -23.19 -35.23 10.81
C ASP E 4 -23.11 -34.55 9.45
N ARG E 5 -22.20 -35.03 8.62
CA ARG E 5 -22.01 -34.53 7.26
C ARG E 5 -23.32 -34.57 6.47
N GLU E 6 -24.00 -35.71 6.51
CA GLU E 6 -25.25 -35.91 5.78
C GLU E 6 -26.29 -34.92 6.27
N PHE E 7 -26.32 -34.70 7.59
CA PHE E 7 -27.27 -33.78 8.18
C PHE E 7 -27.04 -32.36 7.65
N LEU E 8 -25.78 -31.92 7.69
CA LEU E 8 -25.42 -30.58 7.23
C LEU E 8 -25.80 -30.37 5.77
N LEU E 9 -25.51 -31.36 4.94
CA LEU E 9 -25.83 -31.28 3.51
C LEU E 9 -27.33 -31.23 3.21
N ASP E 10 -28.16 -31.74 4.11
CA ASP E 10 -29.59 -31.70 3.88
C ASP E 10 -30.10 -30.27 3.91
N PHE E 11 -29.31 -29.36 4.47
CA PHE E 11 -29.73 -27.99 4.57
C PHE E 11 -29.23 -27.03 3.49
N GLN E 12 -28.35 -27.51 2.61
CA GLN E 12 -27.77 -26.65 1.57
C GLN E 12 -28.73 -26.00 0.57
N PHE E 13 -29.77 -26.70 0.14
CA PHE E 13 -30.68 -26.13 -0.85
C PHE E 13 -32.13 -25.88 -0.44
N MET E 14 -32.52 -26.28 0.77
CA MET E 14 -33.90 -26.06 1.23
C MET E 14 -34.31 -24.58 1.20
N LYS F 1 -16.86 -4.82 -37.71
CA LYS F 1 -16.11 -4.53 -38.97
C LYS F 1 -14.64 -4.93 -38.87
N GLN F 2 -14.28 -6.00 -39.56
CA GLN F 2 -12.91 -6.50 -39.56
C GLN F 2 -12.33 -6.49 -40.95
N TYR F 3 -11.04 -6.18 -41.07
CA TYR F 3 -10.42 -6.15 -42.38
C TYR F 3 -9.09 -6.88 -42.51
N ASP F 4 -9.00 -7.62 -43.59
CA ASP F 4 -7.86 -8.42 -44.04
C ASP F 4 -6.72 -7.46 -44.38
N ARG F 5 -5.48 -7.85 -44.11
CA ARG F 5 -4.36 -6.97 -44.43
C ARG F 5 -4.34 -6.68 -45.92
N GLU F 6 -4.72 -7.66 -46.72
CA GLU F 6 -4.72 -7.51 -48.18
C GLU F 6 -5.71 -6.43 -48.57
N PHE F 7 -6.94 -6.55 -48.07
CA PHE F 7 -7.97 -5.58 -48.36
C PHE F 7 -7.47 -4.16 -48.03
N LEU F 8 -6.99 -3.98 -46.80
CA LEU F 8 -6.49 -2.69 -46.36
C LEU F 8 -5.38 -2.16 -47.26
N LEU F 9 -4.39 -3.01 -47.56
CA LEU F 9 -3.27 -2.61 -48.41
C LEU F 9 -3.66 -2.26 -49.84
N ASP F 10 -4.80 -2.78 -50.31
CA ASP F 10 -5.26 -2.51 -51.67
C ASP F 10 -5.66 -1.07 -51.84
N PHE F 11 -5.98 -0.41 -50.73
CA PHE F 11 -6.39 0.97 -50.78
C PHE F 11 -5.24 1.95 -50.55
N GLN F 12 -4.05 1.44 -50.25
CA GLN F 12 -2.93 2.35 -50.00
C GLN F 12 -2.66 3.34 -51.13
N PHE F 13 -2.83 2.88 -52.36
CA PHE F 13 -2.58 3.73 -53.50
C PHE F 13 -3.83 3.99 -54.32
N MET F 14 -4.97 3.90 -53.65
CA MET F 14 -6.25 4.17 -54.29
C MET F 14 -6.98 5.26 -53.52
N PRO F 15 -6.45 6.51 -53.59
CA PRO F 15 -7.03 7.67 -52.90
C PRO F 15 -8.51 7.86 -53.22
N ALA F 16 -9.30 8.21 -52.23
CA ALA F 16 -10.73 8.42 -52.41
C ALA F 16 -10.95 9.48 -53.47
N LYS G 1 17.10 12.30 31.76
CA LYS G 1 16.14 13.42 31.47
C LYS G 1 14.76 13.09 32.06
N GLN G 2 14.41 13.82 33.11
CA GLN G 2 13.14 13.64 33.80
C GLN G 2 12.46 14.99 34.04
N TYR G 3 11.14 15.01 33.99
CA TYR G 3 10.40 16.24 34.21
C TYR G 3 9.23 16.02 35.17
N ASP G 4 9.07 16.94 36.11
CA ASP G 4 7.99 16.88 37.08
C ASP G 4 6.65 17.23 36.42
N ARG G 5 5.57 16.74 37.00
CA ARG G 5 4.22 16.98 36.51
C ARG G 5 3.95 18.48 36.31
N GLU G 6 4.22 19.27 37.33
CA GLU G 6 4.00 20.72 37.26
C GLU G 6 4.84 21.35 36.15
N PHE G 7 6.11 20.95 36.06
CA PHE G 7 7.00 21.47 35.03
C PHE G 7 6.37 21.27 33.66
N LEU G 8 6.00 20.03 33.36
CA LEU G 8 5.39 19.67 32.08
C LEU G 8 4.10 20.42 31.83
N LEU G 9 3.27 20.56 32.86
CA LEU G 9 2.00 21.26 32.71
C LEU G 9 2.19 22.74 32.43
N ASP G 10 3.28 23.31 32.94
CA ASP G 10 3.57 24.72 32.72
C ASP G 10 3.73 25.05 31.24
N PHE G 11 4.29 24.12 30.47
CA PHE G 11 4.52 24.34 29.05
C PHE G 11 3.31 24.19 28.14
N GLN G 12 2.30 23.43 28.56
CA GLN G 12 1.11 23.23 27.74
C GLN G 12 0.69 24.48 26.98
N TYR H 3 25.87 16.10 2.96
CA TYR H 3 26.53 17.44 3.09
C TYR H 3 25.91 18.31 4.18
N ASP H 4 26.76 18.98 4.94
CA ASP H 4 26.31 19.85 6.03
C ASP H 4 25.82 21.20 5.53
N ARG H 5 24.77 21.71 6.16
CA ARG H 5 24.17 22.99 5.80
C ARG H 5 25.21 24.07 5.55
N GLU H 6 26.07 24.31 6.53
CA GLU H 6 27.10 25.33 6.41
C GLU H 6 28.12 24.96 5.33
N PHE H 7 28.37 23.66 5.18
CA PHE H 7 29.32 23.18 4.17
C PHE H 7 28.83 23.66 2.81
N LEU H 8 27.59 23.32 2.48
CA LEU H 8 26.98 23.71 1.20
C LEU H 8 27.00 25.21 0.99
N LEU H 9 26.60 25.96 2.01
CA LEU H 9 26.56 27.41 1.95
C LEU H 9 27.90 28.09 1.65
N ASP H 10 29.00 27.40 1.93
CA ASP H 10 30.32 27.96 1.68
C ASP H 10 30.84 27.65 0.29
N PHE H 11 29.90 27.45 -0.63
CA PHE H 11 30.23 27.18 -2.02
C PHE H 11 29.53 28.23 -2.89
N GLN H 12 28.38 28.68 -2.41
CA GLN H 12 27.58 29.68 -3.13
C GLN H 12 28.40 30.68 -3.92
N PHE H 13 29.52 31.12 -3.35
CA PHE H 13 30.37 32.10 -4.04
C PHE H 13 31.81 31.64 -4.20
PA M7G I . 1.37 -19.13 1.86
O1A M7G I . 0.31 -18.17 1.42
O2A M7G I . 0.93 -19.79 3.11
O3A M7G I . 1.59 -20.24 0.72
O5' M7G I . 2.77 -18.34 2.12
PB M7G I . 2.35 -19.87 -0.64
O1B M7G I . 1.87 -18.55 -1.12
O2B M7G I . 2.03 -20.92 -1.63
O3B M7G I . 3.80 -19.83 -0.38
C5' M7G I . 3.04 -17.07 1.55
C4' M7G I . 3.74 -16.08 2.42
O4' M7G I . 2.72 -15.46 3.20
C3' M7G I . 4.65 -16.63 3.48
O3' M7G I . 6.01 -16.81 3.01
C2' M7G I . 4.69 -15.47 4.53
O2' M7G I . 5.61 -14.37 4.10
C1' M7G I . 3.21 -15.06 4.50
N9 M7G I . 2.25 -15.80 5.37
C8 M7G I . 1.51 -16.92 5.21
N7 M7G I . 0.83 -17.13 6.30
CM7 M7G I . -0.09 -18.26 6.52
C5 M7G I . 1.10 -16.09 7.35
C6 M7G I . 0.73 -15.83 8.55
O6 M7G I . -0.10 -16.56 9.18
N1 M7G I . 1.33 -14.65 9.08
C2 M7G I . 2.23 -13.84 8.41
N2 M7G I . 2.70 -12.78 9.04
N3 M7G I . 2.64 -14.11 7.14
C4 M7G I . 2.04 -15.27 6.61
PA M7G J . 10.19 5.97 -23.14
O1A M7G J . 10.09 7.18 -23.97
O2A M7G J . 8.90 5.23 -23.23
O3A M7G J . 11.37 5.00 -23.68
O5' M7G J . 10.47 6.36 -21.59
PB M7G J . 12.88 5.50 -23.76
O1B M7G J . 12.93 6.91 -24.13
O2B M7G J . 13.60 4.69 -24.76
O3B M7G J . 13.52 5.30 -22.44
C5' M7G J . 10.99 7.61 -21.24
C4' M7G J . 10.40 8.30 -20.05
O4' M7G J . 9.20 8.92 -20.50
C3' M7G J . 9.88 7.44 -18.95
O3' M7G J . 10.93 7.08 -18.00
C2' M7G J . 8.93 8.45 -18.21
O2' M7G J . 9.70 9.48 -17.48
C1' M7G J . 8.24 9.04 -19.42
N9 M7G J . 7.08 8.32 -20.01
C8 M7G J . 6.93 7.43 -21.02
N7 M7G J . 5.67 7.12 -21.12
CM7 M7G J . 5.09 6.18 -22.09
C5 M7G J . 4.83 7.84 -20.08
C6 M7G J . 3.59 7.89 -19.73
O6 M7G J . 2.67 7.23 -20.31
N1 M7G J . 3.38 8.77 -18.65
C2 M7G J . 4.34 9.50 -17.99
N2 M7G J . 3.97 10.27 -16.99
N3 M7G J . 5.64 9.45 -18.35
C4 M7G J . 5.88 8.58 -19.43
PA M7G K . -9.49 -4.64 23.48
O1A M7G K . -9.68 -3.54 22.52
O2A M7G K . -8.17 -4.51 24.12
O3A M7G K . -10.61 -4.60 24.61
O5' M7G K . -9.55 -6.09 22.74
PB M7G K . -12.15 -4.50 24.24
O1B M7G K . -12.32 -3.88 22.92
O2B M7G K . -12.78 -3.67 25.27
O3B M7G K . -12.71 -5.86 24.26
C5' M7G K . -10.28 -6.33 21.57
C4' M7G K . -9.77 -7.45 20.72
O4' M7G K . -8.71 -6.87 19.95
C3' M7G K . -9.05 -8.57 21.43
O3' M7G K . -9.97 -9.62 21.81
C2' M7G K . -8.14 -9.14 20.32
O2' M7G K . -8.89 -10.03 19.39
C1' M7G K . -7.69 -7.84 19.67
N9 M7G K . -6.51 -7.13 20.26
C8 M7G K . -6.34 -6.21 21.24
N7 M7G K . -5.06 -5.95 21.36
CM7 M7G K . -4.48 -5.00 22.30
C5 M7G K . -4.25 -6.75 20.38
C6 M7G K . -3.01 -6.89 20.06
O6 M7G K . -2.08 -6.25 20.65
N1 M7G K . -2.81 -7.82 19.02
C2 M7G K . -3.81 -8.53 18.38
N2 M7G K . -3.47 -9.36 17.42
N3 M7G K . -5.11 -8.39 18.70
C4 M7G K . -5.31 -7.48 19.72
PA M7G L . -2.00 24.64 -6.37
O1A M7G L . -1.24 25.49 -7.34
O2A M7G L . -1.10 23.56 -5.89
O3A M7G L . -2.46 25.54 -5.13
O5' M7G L . -3.31 23.98 -7.08
PB M7G L . -3.11 26.97 -5.34
O1B M7G L . -2.45 27.67 -6.46
O2B M7G L . -2.94 27.74 -4.09
O3B M7G L . -4.55 26.81 -5.63
C5' M7G L . -3.99 24.63 -8.14
C4' M7G L . -4.51 23.76 -9.25
O4' M7G L . -3.36 23.31 -9.95
C3' M7G L . -5.17 22.47 -8.88
O3' M7G L . -6.59 22.63 -8.65
C2' M7G L . -4.99 21.61 -10.18
O2' M7G L . -5.98 22.01 -11.23
C1' M7G L . -3.57 22.01 -10.55
N9 M7G L . -2.42 21.27 -9.95
C8 M7G L . -1.56 21.54 -8.94
N7 M7G L . -0.72 20.54 -8.81
CM7 M7G L . 0.36 20.46 -7.82
C5 M7G L . -0.99 19.45 -9.82
C6 M7G L . -0.51 18.29 -10.12
O6 M7G L . 0.49 17.77 -9.52
N1 M7G L . -1.20 17.68 -11.21
C2 M7G L . -2.27 18.22 -11.89
N2 M7G L . -2.80 17.52 -12.87
N3 M7G L . -2.80 19.43 -11.57
C4 M7G L . -2.13 20.05 -10.50
#